data_3TNL
#
_entry.id   3TNL
#
_cell.length_a   71.851
_cell.length_b   82.878
_cell.length_c   101.260
_cell.angle_alpha   90.00
_cell.angle_beta   90.03
_cell.angle_gamma   90.00
#
_symmetry.space_group_name_H-M   'P 1 21 1'
#
loop_
_entity.id
_entity.type
_entity.pdbx_description
1 polymer 'Shikimate dehydrogenase'
2 non-polymer NICOTINAMIDE-ADENINE-DINUCLEOTIDE
3 non-polymer '(3R,4S,5R)-3,4,5-TRIHYDROXYCYCLOHEX-1-ENE-1-CARBOXYLIC ACID'
4 non-polymer 'CHLORIDE ION'
5 water water
#
_entity_poly.entity_id   1
_entity_poly.type   'polypeptide(L)'
_entity_poly.pdbx_seq_one_letter_code
;MHHHHHHSSGVDLGTENLYFQSNAMTNKITERITGHTELIGLIATPIRHSLSPTMHNEAFAKLGLDYVYLAFEVGDKELK
DVVQGFRAMNLRGWNVSMPNKTNIHKYLDKLSPAAELVGAVNTVVNDDGVLTGHITDGTGYMRALKEAGHDIIGKKMTIC
GAGGAATAICIQAALDGVKEISIFNRKDDFYANAEKTVEKINSKTDCKAQLFDIEDHEQLRKEIAESVIFTNATGVGMKP
FEGETLLPSADMLRPELIVSDVVYKPTKTRLLEIAEEQGCQTLNGLGMMLWQGAKAFEIWTHKEMPVDYIKEILF
;
_entity_poly.pdbx_strand_id   A,B,C,D
#
# COMPACT_ATOMS: atom_id res chain seq x y z
N LYS A 28 32.06 32.82 12.72
CA LYS A 28 32.15 31.34 12.89
C LYS A 28 30.77 30.65 12.87
N ILE A 29 29.71 31.44 12.70
CA ILE A 29 28.35 30.89 12.64
C ILE A 29 28.18 30.19 11.29
N THR A 30 27.64 28.97 11.30
CA THR A 30 27.39 28.19 10.06
C THR A 30 25.90 27.85 9.85
N GLU A 31 25.08 28.03 10.87
CA GLU A 31 23.64 27.79 10.75
C GLU A 31 23.01 29.01 10.11
N ARG A 32 22.30 28.81 9.00
CA ARG A 32 21.66 29.92 8.31
C ARG A 32 20.41 30.44 8.99
N ILE A 33 19.87 29.66 9.94
N ILE A 33 19.89 29.68 9.95
CA ILE A 33 18.63 30.02 10.64
CA ILE A 33 18.67 30.05 10.63
C ILE A 33 18.86 30.92 11.85
C ILE A 33 18.99 30.99 11.78
N THR A 34 18.36 32.16 11.75
CA THR A 34 18.51 33.17 12.81
C THR A 34 17.13 33.62 13.23
N GLY A 35 17.07 34.68 14.05
CA GLY A 35 15.80 35.25 14.45
C GLY A 35 15.04 35.94 13.31
N HIS A 36 15.71 36.12 12.19
CA HIS A 36 15.05 36.72 11.01
C HIS A 36 14.34 35.69 10.14
N THR A 37 14.69 34.41 10.31
CA THR A 37 14.17 33.33 9.48
C THR A 37 12.67 33.10 9.67
N GLU A 38 11.96 33.01 8.55
CA GLU A 38 10.52 32.80 8.57
C GLU A 38 10.19 31.35 8.26
N LEU A 39 9.01 30.96 8.67
CA LEU A 39 8.52 29.58 8.57
C LEU A 39 7.43 29.40 7.51
N ILE A 40 7.57 28.33 6.74
CA ILE A 40 6.56 27.78 5.85
C ILE A 40 6.28 26.38 6.43
N GLY A 41 5.01 26.08 6.68
CA GLY A 41 4.60 24.79 7.27
C GLY A 41 4.04 23.75 6.31
N LEU A 42 3.83 22.56 6.86
CA LEU A 42 3.19 21.42 6.20
C LEU A 42 2.41 20.72 7.28
N ILE A 43 1.09 20.63 7.12
CA ILE A 43 0.22 20.10 8.17
C ILE A 43 -0.58 18.91 7.62
N ALA A 44 -0.32 17.75 8.24
CA ALA A 44 -0.88 16.47 7.77
C ALA A 44 -0.49 15.40 8.76
N THR A 45 -1.11 14.22 8.65
CA THR A 45 -0.69 13.09 9.49
C THR A 45 -1.11 11.79 8.85
N PRO A 46 -0.18 10.82 8.73
CA PRO A 46 1.24 10.90 9.04
C PRO A 46 1.92 11.79 8.02
N ILE A 47 3.09 12.30 8.37
CA ILE A 47 3.80 13.22 7.45
C ILE A 47 5.30 13.29 7.61
N ARG A 48 5.87 12.76 8.69
CA ARG A 48 7.29 13.00 8.92
C ARG A 48 8.27 12.40 7.93
N HIS A 49 7.81 11.44 7.13
CA HIS A 49 8.68 10.89 6.09
C HIS A 49 8.60 11.66 4.77
N SER A 50 7.82 12.75 4.75
CA SER A 50 7.69 13.54 3.51
C SER A 50 8.99 14.09 2.99
N LEU A 51 9.08 14.16 1.67
CA LEU A 51 10.21 14.77 0.98
C LEU A 51 9.99 16.28 0.78
N SER A 52 8.78 16.78 1.09
CA SER A 52 8.54 18.22 0.89
C SER A 52 9.51 19.14 1.60
N PRO A 53 9.81 18.88 2.89
CA PRO A 53 10.79 19.82 3.52
C PRO A 53 12.14 19.89 2.83
N THR A 54 12.66 18.75 2.38
CA THR A 54 13.92 18.77 1.68
C THR A 54 13.79 19.58 0.39
N MET A 55 12.75 19.34 -0.37
CA MET A 55 12.55 20.09 -1.60
C MET A 55 12.57 21.60 -1.36
N HIS A 56 11.71 22.07 -0.45
CA HIS A 56 11.61 23.49 -0.25
C HIS A 56 12.82 24.11 0.44
N ASN A 57 13.36 23.44 1.45
CA ASN A 57 14.56 23.97 2.10
C ASN A 57 15.73 24.06 1.14
N GLU A 58 15.90 23.06 0.26
CA GLU A 58 16.95 23.15 -0.74
C GLU A 58 16.68 24.31 -1.72
N ALA A 59 15.42 24.54 -2.06
CA ALA A 59 15.08 25.66 -2.95
C ALA A 59 15.33 27.01 -2.28
N PHE A 60 14.89 27.16 -1.02
CA PHE A 60 15.17 28.38 -0.28
C PHE A 60 16.67 28.67 -0.19
N ALA A 61 17.45 27.65 0.17
CA ALA A 61 18.88 27.82 0.28
C ALA A 61 19.52 28.21 -1.05
N LYS A 62 19.07 27.58 -2.13
CA LYS A 62 19.61 27.88 -3.45
C LYS A 62 19.36 29.32 -3.87
N LEU A 63 18.17 29.84 -3.59
CA LEU A 63 17.83 31.19 -4.00
C LEU A 63 18.17 32.26 -2.96
N GLY A 64 18.74 31.84 -1.83
CA GLY A 64 19.14 32.78 -0.77
C GLY A 64 17.98 33.39 -0.02
N LEU A 65 16.90 32.65 0.11
CA LEU A 65 15.71 33.15 0.76
C LEU A 65 15.70 32.73 2.22
N ASP A 66 15.35 33.65 3.11
CA ASP A 66 15.40 33.38 4.55
C ASP A 66 14.13 32.75 5.10
N TYR A 67 13.89 31.53 4.63
CA TYR A 67 12.78 30.72 5.07
C TYR A 67 13.22 29.31 5.35
N VAL A 68 12.46 28.64 6.20
N VAL A 68 12.47 28.65 6.22
CA VAL A 68 12.63 27.23 6.51
CA VAL A 68 12.64 27.24 6.51
C VAL A 68 11.27 26.58 6.46
C VAL A 68 11.26 26.61 6.35
N TYR A 69 11.22 25.34 6.00
CA TYR A 69 9.99 24.58 5.83
C TYR A 69 9.99 23.42 6.81
N LEU A 70 8.91 23.30 7.61
CA LEU A 70 8.79 22.24 8.61
C LEU A 70 7.44 21.58 8.54
N ALA A 71 7.41 20.29 8.87
CA ALA A 71 6.17 19.52 8.93
C ALA A 71 5.69 19.39 10.36
N PHE A 72 4.37 19.35 10.54
CA PHE A 72 3.72 19.15 11.84
C PHE A 72 2.66 18.09 11.69
N GLU A 73 2.57 17.18 12.66
N GLU A 73 2.57 17.20 12.68
CA GLU A 73 1.58 16.10 12.61
CA GLU A 73 1.57 16.14 12.69
C GLU A 73 0.21 16.61 13.07
C GLU A 73 0.23 16.72 13.08
N VAL A 74 -0.61 16.95 12.09
CA VAL A 74 -1.90 17.57 12.31
C VAL A 74 -3.01 16.84 11.61
N GLY A 75 -4.01 16.45 12.38
CA GLY A 75 -5.20 15.79 11.90
C GLY A 75 -6.42 16.58 12.22
N ASP A 76 -7.58 15.93 12.15
CA ASP A 76 -8.88 16.58 12.36
C ASP A 76 -8.98 17.35 13.68
N LYS A 77 -8.52 16.71 14.75
CA LYS A 77 -8.58 17.28 16.10
C LYS A 77 -7.74 18.54 16.27
N GLU A 78 -6.63 18.63 15.52
CA GLU A 78 -5.71 19.76 15.64
C GLU A 78 -5.84 20.89 14.63
N LEU A 79 -6.47 20.60 13.48
CA LEU A 79 -6.46 21.54 12.39
C LEU A 79 -6.92 22.97 12.69
N LYS A 80 -8.08 23.12 13.33
CA LYS A 80 -8.57 24.43 13.61
C LYS A 80 -7.59 25.28 14.43
N ASP A 81 -7.10 24.67 15.52
CA ASP A 81 -6.18 25.39 16.41
C ASP A 81 -4.88 25.71 15.71
N VAL A 82 -4.40 24.83 14.83
CA VAL A 82 -3.16 25.06 14.10
C VAL A 82 -3.34 26.23 13.15
N VAL A 83 -4.44 26.29 12.40
CA VAL A 83 -4.63 27.42 11.50
C VAL A 83 -4.72 28.74 12.26
N GLN A 84 -5.47 28.77 13.34
CA GLN A 84 -5.55 29.99 14.13
C GLN A 84 -4.17 30.39 14.71
N GLY A 85 -3.38 29.39 15.10
CA GLY A 85 -2.04 29.63 15.56
C GLY A 85 -1.16 30.20 14.44
N PHE A 86 -1.29 29.65 13.23
CA PHE A 86 -0.51 30.14 12.09
C PHE A 86 -0.88 31.59 11.75
N ARG A 87 -2.14 31.95 11.89
CA ARG A 87 -2.58 33.36 11.67
C ARG A 87 -1.86 34.26 12.67
N ALA A 88 -1.85 33.83 13.93
CA ALA A 88 -1.25 34.63 15.01
C ALA A 88 0.27 34.70 14.91
N MET A 89 0.90 33.64 14.36
CA MET A 89 2.31 33.61 14.09
C MET A 89 2.67 34.36 12.81
N ASN A 90 1.67 34.79 12.06
CA ASN A 90 1.87 35.52 10.78
C ASN A 90 2.68 34.70 9.75
N LEU A 91 2.46 33.40 9.66
CA LEU A 91 3.14 32.59 8.67
C LEU A 91 2.75 33.02 7.24
N ARG A 92 3.72 33.05 6.34
CA ARG A 92 3.48 33.42 4.94
C ARG A 92 2.62 32.35 4.25
N GLY A 93 2.79 31.09 4.64
CA GLY A 93 2.01 30.03 4.00
C GLY A 93 2.40 28.67 4.48
N TRP A 94 1.72 27.68 3.95
CA TRP A 94 1.95 26.30 4.28
C TRP A 94 1.29 25.38 3.28
N ASN A 95 1.76 24.13 3.25
CA ASN A 95 1.09 23.07 2.50
C ASN A 95 0.18 22.29 3.48
N VAL A 96 -0.76 21.57 2.88
CA VAL A 96 -1.78 20.82 3.58
C VAL A 96 -1.85 19.47 2.93
N SER A 97 -1.85 18.40 3.71
CA SER A 97 -2.06 17.07 3.13
C SER A 97 -3.06 16.27 3.95
N MET A 98 -3.21 14.98 3.63
N MET A 98 -3.25 14.99 3.60
CA MET A 98 -4.16 14.10 4.31
CA MET A 98 -4.24 14.16 4.29
C MET A 98 -3.93 14.17 5.83
C MET A 98 -3.96 14.18 5.80
N PRO A 99 -5.01 14.22 6.63
CA PRO A 99 -6.44 14.18 6.27
C PRO A 99 -7.12 15.52 6.21
N ASN A 100 -6.39 16.58 5.86
CA ASN A 100 -6.93 17.94 5.98
C ASN A 100 -7.32 18.71 4.73
N LYS A 101 -7.10 18.16 3.55
CA LYS A 101 -7.27 18.94 2.32
C LYS A 101 -8.69 19.37 2.04
N THR A 102 -9.65 18.54 2.41
CA THR A 102 -11.04 18.85 2.11
C THR A 102 -11.76 19.59 3.25
N ASN A 103 -11.14 19.68 4.42
CA ASN A 103 -11.70 20.36 5.58
C ASN A 103 -11.19 21.77 5.81
N ILE A 104 -9.98 22.07 5.36
CA ILE A 104 -9.35 23.31 5.73
C ILE A 104 -10.01 24.59 5.22
N HIS A 105 -10.77 24.51 4.12
CA HIS A 105 -11.44 25.71 3.59
C HIS A 105 -12.20 26.49 4.64
N LYS A 106 -12.76 25.79 5.62
N LYS A 106 -12.80 25.82 5.62
CA LYS A 106 -13.53 26.41 6.70
CA LYS A 106 -13.58 26.53 6.63
C LYS A 106 -12.78 27.49 7.44
C LYS A 106 -12.78 27.52 7.45
N TYR A 107 -11.47 27.27 7.55
CA TYR A 107 -10.55 28.10 8.33
C TYR A 107 -9.84 29.14 7.55
N LEU A 108 -10.13 29.21 6.24
CA LEU A 108 -9.50 30.19 5.36
C LEU A 108 -10.48 31.30 5.02
N ASP A 109 -10.02 32.33 4.35
CA ASP A 109 -10.76 33.49 3.96
C ASP A 109 -11.22 33.49 2.51
N LYS A 110 -10.40 32.99 1.61
CA LYS A 110 -10.69 32.94 0.18
C LYS A 110 -10.17 31.66 -0.42
N LEU A 111 -10.72 31.29 -1.57
CA LEU A 111 -10.27 30.11 -2.33
C LEU A 111 -10.04 30.48 -3.76
N SER A 112 -8.95 29.99 -4.34
CA SER A 112 -8.73 30.18 -5.75
C SER A 112 -9.84 29.50 -6.54
N PRO A 113 -9.97 29.85 -7.84
CA PRO A 113 -11.05 29.21 -8.60
C PRO A 113 -10.94 27.67 -8.62
N ALA A 114 -9.72 27.17 -8.74
CA ALA A 114 -9.52 25.72 -8.78
C ALA A 114 -9.79 25.09 -7.41
N ALA A 115 -9.37 25.73 -6.33
CA ALA A 115 -9.64 25.15 -5.00
C ALA A 115 -11.14 25.09 -4.71
N GLU A 116 -11.89 26.07 -5.16
N GLU A 116 -11.87 26.08 -5.18
CA GLU A 116 -13.33 26.06 -4.95
CA GLU A 116 -13.30 26.13 -5.03
C GLU A 116 -14.00 24.98 -5.83
C GLU A 116 -13.95 24.98 -5.81
N LEU A 117 -13.54 24.83 -7.07
CA LEU A 117 -14.09 23.81 -7.97
C LEU A 117 -13.74 22.40 -7.49
N VAL A 118 -12.50 22.21 -7.10
CA VAL A 118 -12.04 20.91 -6.63
C VAL A 118 -12.60 20.54 -5.25
N GLY A 119 -12.71 21.51 -4.38
CA GLY A 119 -13.15 21.25 -3.01
C GLY A 119 -12.03 20.71 -2.12
N ALA A 120 -10.80 20.98 -2.52
CA ALA A 120 -9.61 20.61 -1.76
C ALA A 120 -8.55 21.69 -1.90
N VAL A 121 -7.75 21.82 -0.84
CA VAL A 121 -6.66 22.79 -0.76
C VAL A 121 -5.40 22.09 -0.33
N ASN A 122 -4.30 22.29 -1.04
CA ASN A 122 -3.01 21.74 -0.60
C ASN A 122 -1.99 22.84 -0.28
N THR A 123 -2.36 24.10 -0.51
CA THR A 123 -1.43 25.23 -0.37
C THR A 123 -2.21 26.43 0.15
N VAL A 124 -1.71 27.09 1.20
CA VAL A 124 -2.33 28.30 1.72
C VAL A 124 -1.29 29.43 1.65
N VAL A 125 -1.72 30.63 1.28
CA VAL A 125 -0.89 31.84 1.31
C VAL A 125 -1.55 32.91 2.12
N ASN A 126 -0.79 33.63 2.93
CA ASN A 126 -1.26 34.69 3.79
C ASN A 126 -0.78 36.03 3.23
N ASP A 127 -1.75 36.79 2.72
CA ASP A 127 -1.53 38.13 2.19
C ASP A 127 -2.18 39.13 3.15
N ASP A 128 -1.36 39.81 3.98
CA ASP A 128 -1.85 40.84 4.89
C ASP A 128 -2.98 40.32 5.79
N GLY A 129 -2.82 39.08 6.24
CA GLY A 129 -3.80 38.47 7.14
C GLY A 129 -4.93 37.74 6.47
N VAL A 130 -5.03 37.83 5.16
CA VAL A 130 -6.09 37.17 4.39
C VAL A 130 -5.53 35.84 3.84
N LEU A 131 -6.11 34.73 4.30
CA LEU A 131 -5.63 33.41 3.86
C LEU A 131 -6.34 32.95 2.60
N THR A 132 -5.65 32.66 1.53
CA THR A 132 -6.23 32.12 0.30
C THR A 132 -5.74 30.69 0.14
N GLY A 133 -6.70 29.79 -0.06
CA GLY A 133 -6.41 28.40 -0.35
C GLY A 133 -6.30 28.17 -1.83
N HIS A 134 -5.26 27.44 -2.20
CA HIS A 134 -4.94 27.03 -3.57
C HIS A 134 -4.79 25.50 -3.65
N ILE A 135 -4.83 24.98 -4.88
CA ILE A 135 -4.64 23.55 -5.12
C ILE A 135 -3.68 23.41 -6.29
N THR A 136 -2.56 22.78 -6.01
CA THR A 136 -1.51 22.64 -7.01
C THR A 136 -1.27 21.19 -7.45
N ASP A 137 -1.97 20.23 -6.91
CA ASP A 137 -1.81 18.84 -7.28
C ASP A 137 -2.20 18.57 -8.75
N GLY A 138 -3.28 19.18 -9.21
CA GLY A 138 -3.78 19.01 -10.59
C GLY A 138 -2.86 19.67 -11.61
N THR A 139 -2.55 20.94 -11.36
CA THR A 139 -1.61 21.64 -12.22
C THR A 139 -0.28 20.93 -12.20
N GLY A 140 0.12 20.37 -11.05
CA GLY A 140 1.42 19.69 -10.98
C GLY A 140 1.41 18.43 -11.85
N TYR A 141 0.35 17.65 -11.75
CA TYR A 141 0.17 16.42 -12.56
C TYR A 141 0.24 16.77 -14.06
N MET A 142 -0.55 17.77 -14.47
CA MET A 142 -0.59 18.14 -15.89
C MET A 142 0.78 18.66 -16.41
N ARG A 143 1.49 19.44 -15.58
CA ARG A 143 2.81 19.97 -16.01
C ARG A 143 3.76 18.81 -16.17
N ALA A 144 3.75 17.86 -15.23
CA ALA A 144 4.64 16.74 -15.35
C ALA A 144 4.37 15.95 -16.63
N LEU A 145 3.12 15.80 -17.05
CA LEU A 145 2.83 15.09 -18.31
C LEU A 145 3.47 15.88 -19.44
N LYS A 146 3.23 17.18 -19.45
CA LYS A 146 3.74 18.05 -20.53
C LYS A 146 5.25 18.01 -20.61
N GLU A 147 5.91 18.10 -19.45
CA GLU A 147 7.38 18.09 -19.43
C GLU A 147 7.96 16.77 -19.90
N ALA A 148 7.27 15.68 -19.68
CA ALA A 148 7.69 14.34 -20.11
C ALA A 148 7.39 14.06 -21.59
N GLY A 149 6.73 14.99 -22.25
CA GLY A 149 6.43 14.86 -23.67
C GLY A 149 5.10 14.19 -23.97
N HIS A 150 4.20 14.13 -22.98
CA HIS A 150 2.93 13.50 -23.19
C HIS A 150 1.84 14.55 -23.38
N ASP A 151 1.39 14.68 -24.61
CA ASP A 151 0.36 15.64 -24.94
C ASP A 151 -1.02 15.01 -24.90
N ILE A 152 -1.86 15.42 -23.94
CA ILE A 152 -3.20 14.87 -23.85
C ILE A 152 -4.29 15.92 -24.06
N ILE A 153 -3.86 17.13 -24.41
CA ILE A 153 -4.81 18.20 -24.65
C ILE A 153 -5.57 17.88 -25.95
N GLY A 154 -6.89 18.01 -25.90
CA GLY A 154 -7.76 17.67 -27.01
C GLY A 154 -7.97 16.17 -27.20
N LYS A 155 -7.57 15.38 -26.21
CA LYS A 155 -7.64 13.93 -26.32
C LYS A 155 -8.40 13.32 -25.15
N LYS A 156 -8.40 11.98 -25.06
CA LYS A 156 -9.21 11.27 -24.09
C LYS A 156 -8.40 10.54 -23.02
N MET A 157 -8.80 10.75 -21.77
CA MET A 157 -8.17 10.13 -20.59
C MET A 157 -9.13 9.25 -19.84
N THR A 158 -8.65 8.12 -19.36
CA THR A 158 -9.41 7.29 -18.41
C THR A 158 -8.60 7.37 -17.12
N ILE A 159 -9.29 7.63 -16.02
CA ILE A 159 -8.65 7.78 -14.74
C ILE A 159 -9.38 7.02 -13.65
N CYS A 160 -8.63 6.42 -12.72
CA CYS A 160 -9.18 5.75 -11.57
C CYS A 160 -9.02 6.64 -10.34
N GLY A 161 -10.12 6.90 -9.65
CA GLY A 161 -10.08 7.67 -8.42
C GLY A 161 -11.07 8.79 -8.36
N ALA A 162 -11.36 9.22 -7.14
CA ALA A 162 -12.32 10.29 -6.89
C ALA A 162 -12.07 11.04 -5.57
N GLY A 163 -10.86 10.93 -5.05
CA GLY A 163 -10.43 11.62 -3.85
C GLY A 163 -9.77 12.94 -4.24
N GLY A 164 -8.94 13.47 -3.35
CA GLY A 164 -8.34 14.79 -3.58
C GLY A 164 -7.52 14.86 -4.84
N ALA A 165 -6.67 13.87 -5.03
CA ALA A 165 -5.78 13.87 -6.18
C ALA A 165 -6.54 13.73 -7.46
N ALA A 166 -7.40 12.71 -7.54
CA ALA A 166 -8.14 12.51 -8.76
C ALA A 166 -9.04 13.69 -9.11
N THR A 167 -9.68 14.30 -8.09
CA THR A 167 -10.57 15.41 -8.36
C THR A 167 -9.75 16.60 -8.89
N ALA A 168 -8.60 16.87 -8.25
CA ALA A 168 -7.73 17.98 -8.72
C ALA A 168 -7.26 17.77 -10.17
N ILE A 169 -6.94 16.52 -10.49
CA ILE A 169 -6.43 16.17 -11.83
C ILE A 169 -7.56 16.26 -12.85
N CYS A 170 -8.74 15.74 -12.50
CA CYS A 170 -9.87 15.78 -13.45
C CYS A 170 -10.26 17.20 -13.78
N ILE A 171 -10.35 18.02 -12.74
CA ILE A 171 -10.75 19.42 -12.94
C ILE A 171 -9.70 20.15 -13.75
N GLN A 172 -8.43 19.95 -13.44
CA GLN A 172 -7.41 20.66 -14.21
C GLN A 172 -7.33 20.20 -15.66
N ALA A 173 -7.45 18.89 -15.86
CA ALA A 173 -7.42 18.34 -17.21
C ALA A 173 -8.53 19.00 -18.03
N ALA A 174 -9.72 19.08 -17.44
CA ALA A 174 -10.84 19.72 -18.12
C ALA A 174 -10.57 21.20 -18.42
N LEU A 175 -10.03 21.90 -17.43
CA LEU A 175 -9.73 23.34 -17.60
C LEU A 175 -8.65 23.56 -18.66
N ASP A 176 -7.71 22.61 -18.79
CA ASP A 176 -6.60 22.73 -19.73
C ASP A 176 -6.96 22.27 -21.13
N GLY A 177 -8.17 21.75 -21.31
CA GLY A 177 -8.58 21.35 -22.65
C GLY A 177 -8.52 19.88 -23.06
N VAL A 178 -8.39 18.99 -22.09
CA VAL A 178 -8.53 17.57 -22.38
C VAL A 178 -9.98 17.44 -22.93
N LYS A 179 -10.18 16.61 -23.96
CA LYS A 179 -11.50 16.52 -24.63
C LYS A 179 -12.56 15.67 -23.90
N GLU A 180 -12.09 14.59 -23.31
CA GLU A 180 -12.99 13.64 -22.68
C GLU A 180 -12.27 12.91 -21.55
N ILE A 181 -13.01 12.72 -20.46
CA ILE A 181 -12.49 12.01 -19.29
C ILE A 181 -13.48 10.99 -18.80
N SER A 182 -13.05 9.74 -18.73
CA SER A 182 -13.82 8.65 -18.18
C SER A 182 -13.25 8.34 -16.81
N ILE A 183 -14.05 8.49 -15.77
CA ILE A 183 -13.63 8.23 -14.40
C ILE A 183 -14.17 6.90 -13.94
N PHE A 184 -13.35 6.11 -13.25
CA PHE A 184 -13.72 4.85 -12.62
C PHE A 184 -13.39 4.90 -11.15
N ASN A 185 -14.33 4.48 -10.32
CA ASN A 185 -14.11 4.44 -8.87
C ASN A 185 -14.93 3.33 -8.26
N ARG A 186 -14.47 2.79 -7.14
CA ARG A 186 -15.24 1.78 -6.47
C ARG A 186 -16.44 2.49 -5.81
N LYS A 187 -17.47 1.70 -5.48
CA LYS A 187 -18.67 2.21 -4.84
C LYS A 187 -18.43 2.41 -3.35
N ASP A 188 -17.58 3.39 -3.03
CA ASP A 188 -17.25 3.74 -1.66
C ASP A 188 -17.77 5.16 -1.39
N ASP A 189 -17.30 5.77 -0.31
CA ASP A 189 -17.75 7.10 0.06
C ASP A 189 -17.32 8.19 -0.92
N PHE A 190 -16.32 7.92 -1.76
CA PHE A 190 -15.90 8.90 -2.74
C PHE A 190 -16.70 8.89 -4.05
N TYR A 191 -17.51 7.85 -4.30
CA TYR A 191 -18.22 7.76 -5.56
C TYR A 191 -19.11 9.00 -5.77
N ALA A 192 -19.78 9.46 -4.71
CA ALA A 192 -20.65 10.63 -4.79
C ALA A 192 -19.85 11.89 -5.16
N ASN A 193 -18.60 11.99 -4.68
CA ASN A 193 -17.73 13.10 -5.04
C ASN A 193 -17.46 13.08 -6.56
N ALA A 194 -17.14 11.89 -7.12
CA ALA A 194 -16.95 11.77 -8.57
C ALA A 194 -18.19 12.19 -9.36
N GLU A 195 -19.37 11.89 -8.82
CA GLU A 195 -20.59 12.29 -9.50
C GLU A 195 -20.67 13.82 -9.58
N LYS A 196 -20.24 14.49 -8.51
CA LYS A 196 -20.21 15.96 -8.48
C LYS A 196 -19.14 16.47 -9.46
N THR A 197 -18.00 15.80 -9.54
CA THR A 197 -16.94 16.19 -10.48
C THR A 197 -17.44 16.12 -11.92
N VAL A 198 -18.17 15.06 -12.25
CA VAL A 198 -18.74 14.90 -13.57
C VAL A 198 -19.66 16.09 -13.88
N GLU A 199 -20.55 16.41 -12.94
N GLU A 199 -20.55 16.43 -12.95
CA GLU A 199 -21.48 17.55 -13.13
CA GLU A 199 -21.47 17.55 -13.20
C GLU A 199 -20.74 18.88 -13.35
C GLU A 199 -20.76 18.90 -13.34
N LYS A 200 -19.68 19.12 -12.58
CA LYS A 200 -18.88 20.36 -12.67
C LYS A 200 -18.20 20.47 -14.02
N ILE A 201 -17.58 19.38 -14.43
CA ILE A 201 -16.86 19.37 -15.71
C ILE A 201 -17.80 19.61 -16.88
N ASN A 202 -18.88 18.87 -16.91
CA ASN A 202 -19.84 19.01 -18.02
C ASN A 202 -20.53 20.38 -18.09
N SER A 203 -20.79 20.98 -16.93
CA SER A 203 -21.47 22.28 -16.91
C SER A 203 -20.54 23.49 -17.03
N LYS A 204 -19.30 23.39 -16.55
CA LYS A 204 -18.39 24.55 -16.54
C LYS A 204 -17.28 24.55 -17.58
N THR A 205 -17.09 23.43 -18.27
CA THR A 205 -16.03 23.36 -19.27
C THR A 205 -16.56 22.77 -20.56
N ASP A 206 -15.71 22.72 -21.57
CA ASP A 206 -16.04 22.08 -22.85
C ASP A 206 -15.66 20.58 -22.84
N CYS A 207 -15.11 20.10 -21.73
CA CYS A 207 -14.73 18.69 -21.61
C CYS A 207 -15.98 17.82 -21.33
N LYS A 208 -15.98 16.60 -21.87
CA LYS A 208 -17.06 15.61 -21.66
C LYS A 208 -16.57 14.56 -20.65
N ALA A 209 -17.23 14.49 -19.51
CA ALA A 209 -16.86 13.55 -18.49
C ALA A 209 -18.01 12.58 -18.17
N GLN A 210 -17.64 11.35 -17.77
N GLN A 210 -17.64 11.37 -17.74
CA GLN A 210 -18.57 10.34 -17.30
CA GLN A 210 -18.60 10.35 -17.33
C GLN A 210 -17.92 9.54 -16.20
C GLN A 210 -17.93 9.43 -16.30
N LEU A 211 -18.74 8.86 -15.40
CA LEU A 211 -18.28 8.01 -14.31
C LEU A 211 -18.86 6.60 -14.40
N PHE A 212 -18.02 5.63 -14.06
CA PHE A 212 -18.37 4.24 -14.01
C PHE A 212 -17.78 3.57 -12.77
N ASP A 213 -18.36 2.44 -12.40
CA ASP A 213 -17.84 1.58 -11.34
C ASP A 213 -16.57 0.90 -11.87
N ILE A 214 -15.53 0.86 -11.02
CA ILE A 214 -14.26 0.22 -11.34
C ILE A 214 -14.46 -1.30 -11.59
N GLU A 215 -15.51 -1.88 -11.03
CA GLU A 215 -15.80 -3.30 -11.28
C GLU A 215 -16.51 -3.57 -12.63
N ASP A 216 -16.83 -2.51 -13.37
CA ASP A 216 -17.47 -2.63 -14.69
C ASP A 216 -16.33 -2.84 -15.68
N HIS A 217 -15.85 -4.07 -15.70
CA HIS A 217 -14.66 -4.39 -16.48
C HIS A 217 -14.81 -4.24 -17.98
N GLU A 218 -15.97 -4.57 -18.53
N GLU A 218 -16.00 -4.56 -18.49
CA GLU A 218 -16.16 -4.40 -19.98
CA GLU A 218 -16.30 -4.43 -19.93
C GLU A 218 -16.14 -2.92 -20.34
C GLU A 218 -16.19 -2.96 -20.33
N GLN A 219 -16.75 -2.07 -19.51
CA GLN A 219 -16.70 -0.63 -19.80
C GLN A 219 -15.25 -0.12 -19.65
N LEU A 220 -14.54 -0.62 -18.64
CA LEU A 220 -13.15 -0.19 -18.44
C LEU A 220 -12.30 -0.53 -19.66
N ARG A 221 -12.48 -1.73 -20.20
CA ARG A 221 -11.73 -2.14 -21.37
C ARG A 221 -11.97 -1.16 -22.53
N LYS A 222 -13.24 -0.84 -22.75
CA LYS A 222 -13.66 0.06 -23.84
C LYS A 222 -13.08 1.45 -23.64
N GLU A 223 -13.21 1.98 -22.43
CA GLU A 223 -12.71 3.34 -22.17
C GLU A 223 -11.20 3.42 -22.33
N ILE A 224 -10.48 2.45 -21.79
CA ILE A 224 -9.01 2.44 -21.96
C ILE A 224 -8.65 2.39 -23.44
N ALA A 225 -9.30 1.49 -24.17
CA ALA A 225 -9.03 1.35 -25.61
C ALA A 225 -9.16 2.67 -26.34
N GLU A 226 -10.15 3.45 -25.96
CA GLU A 226 -10.43 4.72 -26.62
C GLU A 226 -9.64 5.94 -26.09
N SER A 227 -8.77 5.69 -25.10
CA SER A 227 -8.03 6.78 -24.47
C SER A 227 -6.56 6.79 -24.89
N VAL A 228 -5.92 7.97 -24.83
CA VAL A 228 -4.49 8.05 -25.05
C VAL A 228 -3.70 7.82 -23.76
N ILE A 229 -4.37 7.97 -22.61
CA ILE A 229 -3.71 7.83 -21.32
C ILE A 229 -4.65 7.16 -20.34
N PHE A 230 -4.08 6.31 -19.50
CA PHE A 230 -4.80 5.60 -18.40
C PHE A 230 -4.01 5.95 -17.13
N THR A 231 -4.69 6.52 -16.19
CA THR A 231 -4.11 7.04 -14.95
C THR A 231 -4.66 6.47 -13.70
N ASN A 232 -3.78 6.04 -12.82
CA ASN A 232 -4.21 5.66 -11.48
C ASN A 232 -4.03 6.87 -10.56
N ALA A 233 -5.12 7.29 -9.92
CA ALA A 233 -5.11 8.39 -8.93
C ALA A 233 -5.75 7.91 -7.64
N THR A 234 -5.47 6.67 -7.29
CA THR A 234 -5.91 6.06 -6.01
C THR A 234 -4.66 5.62 -5.26
N GLY A 235 -4.83 5.19 -4.02
CA GLY A 235 -3.70 4.67 -3.26
C GLY A 235 -3.32 3.22 -3.57
N VAL A 236 -4.05 2.59 -4.49
CA VAL A 236 -3.70 1.21 -4.89
C VAL A 236 -2.36 1.24 -5.60
N GLY A 237 -1.48 0.35 -5.18
CA GLY A 237 -0.12 0.29 -5.68
C GLY A 237 0.90 0.84 -4.69
N MET A 238 0.42 1.64 -3.74
CA MET A 238 1.22 2.21 -2.65
C MET A 238 0.82 1.46 -1.39
N LYS A 239 1.74 1.30 -0.43
CA LYS A 239 1.42 0.69 0.88
C LYS A 239 0.08 1.30 1.37
N PRO A 240 -0.86 0.48 1.90
CA PRO A 240 -0.81 -0.96 2.17
C PRO A 240 -1.27 -1.87 1.03
N PHE A 241 -1.25 -1.33 -0.19
CA PHE A 241 -1.63 -2.02 -1.41
C PHE A 241 -0.45 -2.14 -2.40
N GLU A 242 0.77 -2.30 -1.89
CA GLU A 242 1.93 -2.42 -2.74
C GLU A 242 1.91 -3.78 -3.41
N GLY A 243 2.16 -3.82 -4.72
CA GLY A 243 2.08 -5.07 -5.47
C GLY A 243 0.70 -5.40 -6.01
N GLU A 244 -0.28 -4.54 -5.72
CA GLU A 244 -1.66 -4.72 -6.13
C GLU A 244 -2.03 -3.61 -7.12
N THR A 245 -3.08 -3.86 -7.91
CA THR A 245 -3.54 -2.97 -8.94
C THR A 245 -5.04 -3.05 -9.07
N LEU A 246 -5.64 -2.01 -9.65
CA LEU A 246 -7.08 -2.04 -9.98
C LEU A 246 -7.29 -2.50 -11.43
N LEU A 247 -6.22 -2.72 -12.17
CA LEU A 247 -6.30 -3.19 -13.60
C LEU A 247 -6.63 -4.69 -13.63
N PRO A 248 -7.74 -5.07 -14.25
CA PRO A 248 -8.06 -6.51 -14.21
C PRO A 248 -7.24 -7.40 -15.12
N SER A 249 -6.77 -6.85 -16.24
N SER A 249 -6.73 -6.87 -16.23
CA SER A 249 -5.97 -7.61 -17.18
CA SER A 249 -5.93 -7.67 -17.13
C SER A 249 -5.00 -6.75 -17.94
C SER A 249 -5.03 -6.82 -17.99
N ALA A 250 -3.79 -7.28 -18.15
CA ALA A 250 -2.78 -6.59 -18.93
C ALA A 250 -3.22 -6.40 -20.37
N ASP A 251 -4.10 -7.28 -20.86
CA ASP A 251 -4.55 -7.20 -22.26
C ASP A 251 -5.47 -6.01 -22.53
N MET A 252 -5.80 -5.25 -21.49
CA MET A 252 -6.54 -4.02 -21.68
C MET A 252 -5.63 -2.87 -22.13
N LEU A 253 -4.30 -3.07 -22.07
N LEU A 253 -4.33 -3.05 -22.00
CA LEU A 253 -3.29 -2.04 -22.40
CA LEU A 253 -3.40 -2.02 -22.39
C LEU A 253 -2.53 -2.31 -23.71
C LEU A 253 -3.06 -2.27 -23.86
N ARG A 254 -2.78 -1.51 -24.75
N ARG A 254 -2.42 -1.30 -24.48
CA ARG A 254 -2.04 -1.60 -25.99
CA ARG A 254 -1.97 -1.43 -25.86
C ARG A 254 -0.67 -0.89 -25.79
C ARG A 254 -0.61 -0.75 -25.81
N PRO A 255 0.35 -1.21 -26.61
CA PRO A 255 1.67 -0.62 -26.45
C PRO A 255 1.73 0.90 -26.58
N GLU A 256 0.79 1.49 -27.31
CA GLU A 256 0.80 2.91 -27.58
C GLU A 256 0.18 3.76 -26.47
N LEU A 257 -0.45 3.09 -25.52
CA LEU A 257 -1.11 3.80 -24.43
C LEU A 257 -0.09 4.35 -23.47
N ILE A 258 -0.33 5.55 -22.97
CA ILE A 258 0.51 6.13 -21.90
C ILE A 258 -0.11 5.70 -20.61
N VAL A 259 0.68 5.12 -19.70
CA VAL A 259 0.12 4.70 -18.39
C VAL A 259 0.82 5.50 -17.29
N SER A 260 0.01 6.14 -16.48
CA SER A 260 0.45 7.08 -15.49
C SER A 260 -0.01 6.73 -14.12
N ASP A 261 0.80 7.00 -13.09
CA ASP A 261 0.40 6.74 -11.71
C ASP A 261 0.80 7.97 -10.87
N VAL A 262 -0.06 8.35 -9.94
CA VAL A 262 0.23 9.41 -8.97
C VAL A 262 1.23 8.92 -7.91
N VAL A 263 1.29 7.61 -7.71
CA VAL A 263 2.21 7.02 -6.74
C VAL A 263 3.68 7.07 -7.23
N TYR A 264 4.59 7.40 -6.32
CA TYR A 264 6.02 7.40 -6.62
C TYR A 264 6.85 6.62 -5.61
N LYS A 265 6.22 6.12 -4.57
CA LYS A 265 6.85 5.21 -3.61
C LYS A 265 5.85 4.04 -3.49
N PRO A 266 6.12 2.91 -4.15
CA PRO A 266 7.30 2.60 -4.95
C PRO A 266 7.43 3.36 -6.26
N THR A 267 8.65 3.40 -6.81
CA THR A 267 8.88 4.12 -8.07
C THR A 267 8.21 3.47 -9.29
N LYS A 268 7.91 2.18 -9.18
CA LYS A 268 7.08 1.49 -10.18
C LYS A 268 6.02 0.67 -9.48
N THR A 269 4.78 1.12 -9.50
CA THR A 269 3.63 0.33 -9.00
C THR A 269 3.42 -0.89 -9.87
N ARG A 270 2.69 -1.86 -9.37
CA ARG A 270 2.37 -3.04 -10.14
C ARG A 270 1.78 -2.64 -11.48
N LEU A 271 0.90 -1.65 -11.47
CA LEU A 271 0.33 -1.13 -12.72
C LEU A 271 1.42 -0.69 -13.71
N LEU A 272 2.36 0.13 -13.24
CA LEU A 272 3.43 0.58 -14.14
C LEU A 272 4.28 -0.56 -14.62
N GLU A 273 4.51 -1.56 -13.75
CA GLU A 273 5.28 -2.72 -14.17
C GLU A 273 4.57 -3.48 -15.30
N ILE A 274 3.29 -3.73 -15.13
CA ILE A 274 2.51 -4.44 -16.14
C ILE A 274 2.52 -3.63 -17.43
N ALA A 275 2.36 -2.31 -17.31
CA ALA A 275 2.38 -1.46 -18.53
C ALA A 275 3.72 -1.53 -19.26
N GLU A 276 4.83 -1.47 -18.52
CA GLU A 276 6.15 -1.54 -19.11
C GLU A 276 6.33 -2.88 -19.83
N GLU A 277 5.80 -3.96 -19.22
CA GLU A 277 5.93 -5.30 -19.82
C GLU A 277 5.14 -5.38 -21.15
N GLN A 278 4.06 -4.61 -21.25
CA GLN A 278 3.24 -4.54 -22.46
C GLN A 278 3.85 -3.62 -23.52
N GLY A 279 4.94 -2.91 -23.19
CA GLY A 279 5.60 -2.01 -24.14
C GLY A 279 5.16 -0.55 -24.06
N CYS A 280 4.38 -0.23 -23.04
CA CYS A 280 3.87 1.13 -22.87
C CYS A 280 4.87 2.09 -22.25
N GLN A 281 4.74 3.35 -22.64
CA GLN A 281 5.40 4.43 -21.95
C GLN A 281 4.67 4.59 -20.62
N THR A 282 5.44 4.86 -19.59
CA THR A 282 4.92 5.02 -18.25
C THR A 282 5.48 6.25 -17.57
N LEU A 283 4.75 6.74 -16.59
CA LEU A 283 5.19 7.87 -15.79
C LEU A 283 4.68 7.76 -14.38
N ASN A 284 5.57 7.71 -13.41
CA ASN A 284 5.15 7.71 -12.01
C ASN A 284 4.81 9.13 -11.48
N GLY A 285 4.58 9.25 -10.16
CA GLY A 285 4.20 10.53 -9.56
C GLY A 285 5.28 11.51 -9.17
N LEU A 286 6.53 11.23 -9.48
CA LEU A 286 7.64 12.11 -9.08
C LEU A 286 7.53 13.50 -9.67
N GLY A 287 7.21 13.56 -10.95
CA GLY A 287 7.04 14.86 -11.61
C GLY A 287 5.87 15.64 -10.99
N MET A 288 4.76 14.97 -10.69
CA MET A 288 3.62 15.62 -10.09
C MET A 288 4.05 16.23 -8.74
N MET A 289 4.82 15.47 -7.99
CA MET A 289 5.30 15.92 -6.68
C MET A 289 6.16 17.19 -6.83
N LEU A 290 7.09 17.17 -7.78
CA LEU A 290 7.94 18.31 -8.00
C LEU A 290 7.18 19.56 -8.40
N TRP A 291 6.28 19.40 -9.36
CA TRP A 291 5.54 20.53 -9.91
C TRP A 291 4.44 21.06 -8.99
N GLN A 292 3.80 20.22 -8.19
CA GLN A 292 2.83 20.73 -7.23
C GLN A 292 3.63 21.57 -6.21
N GLY A 293 4.87 21.16 -5.91
CA GLY A 293 5.68 21.89 -4.97
C GLY A 293 6.21 23.18 -5.58
N ALA A 294 6.66 23.11 -6.84
CA ALA A 294 7.16 24.30 -7.56
C ALA A 294 6.11 25.41 -7.59
N LYS A 295 4.85 25.05 -7.86
N LYS A 295 4.84 25.07 -7.87
CA LYS A 295 3.78 26.02 -7.94
CA LYS A 295 3.81 26.09 -7.93
C LYS A 295 3.52 26.66 -6.56
C LYS A 295 3.53 26.68 -6.53
N ALA A 296 3.43 25.83 -5.52
CA ALA A 296 3.29 26.31 -4.14
C ALA A 296 4.42 27.30 -3.77
N PHE A 297 5.65 26.93 -4.09
CA PHE A 297 6.83 27.74 -3.84
C PHE A 297 6.69 29.12 -4.48
N GLU A 298 6.22 29.16 -5.72
CA GLU A 298 6.02 30.44 -6.43
C GLU A 298 4.87 31.29 -5.88
N ILE A 299 3.85 30.65 -5.35
CA ILE A 299 2.76 31.35 -4.72
C ILE A 299 3.31 32.11 -3.47
N TRP A 300 4.14 31.44 -2.67
CA TRP A 300 4.62 32.08 -1.46
C TRP A 300 5.72 33.13 -1.74
N THR A 301 6.67 32.82 -2.63
CA THR A 301 7.86 33.66 -2.81
C THR A 301 7.84 34.58 -4.01
N HIS A 302 6.88 34.38 -4.90
CA HIS A 302 6.87 35.07 -6.20
C HIS A 302 8.18 34.82 -6.99
N LYS A 303 8.79 33.67 -6.80
CA LYS A 303 10.00 33.27 -7.51
C LYS A 303 9.81 31.85 -8.00
N GLU A 304 10.37 31.57 -9.17
CA GLU A 304 10.34 30.23 -9.72
C GLU A 304 11.27 29.30 -8.92
N MET A 305 10.76 28.12 -8.59
CA MET A 305 11.57 27.12 -7.96
C MET A 305 12.62 26.66 -9.00
N PRO A 306 13.87 26.43 -8.59
CA PRO A 306 14.89 25.93 -9.51
C PRO A 306 14.65 24.42 -9.70
N VAL A 307 13.65 24.06 -10.52
CA VAL A 307 13.22 22.67 -10.65
C VAL A 307 14.26 21.65 -11.12
N ASP A 308 15.10 22.03 -12.07
CA ASP A 308 16.11 21.10 -12.57
C ASP A 308 17.10 20.74 -11.46
N TYR A 309 17.43 21.74 -10.66
CA TYR A 309 18.33 21.57 -9.54
C TYR A 309 17.74 20.65 -8.48
N ILE A 310 16.48 20.88 -8.12
CA ILE A 310 15.80 20.08 -7.13
C ILE A 310 15.56 18.64 -7.61
N LYS A 311 15.20 18.47 -8.88
CA LYS A 311 14.97 17.16 -9.47
C LYS A 311 16.23 16.32 -9.33
N GLU A 312 17.37 16.92 -9.66
N GLU A 312 17.38 16.90 -9.69
CA GLU A 312 18.66 16.26 -9.62
CA GLU A 312 18.65 16.18 -9.62
C GLU A 312 19.02 15.75 -8.23
C GLU A 312 19.00 15.72 -8.21
N ILE A 313 18.80 16.57 -7.22
CA ILE A 313 19.18 16.19 -5.86
C ILE A 313 18.19 15.33 -5.12
N LEU A 314 16.92 15.40 -5.50
CA LEU A 314 15.87 14.73 -4.73
C LEU A 314 14.99 13.69 -5.41
N PHE A 315 14.77 13.80 -6.72
CA PHE A 315 13.87 12.87 -7.41
C PHE A 315 14.58 12.06 -8.48
N ASN B 27 26.30 13.12 0.31
CA ASN B 27 24.92 13.25 -0.23
C ASN B 27 24.75 14.61 -0.94
N LYS B 28 23.89 14.61 -1.95
CA LYS B 28 23.61 15.82 -2.75
C LYS B 28 22.75 16.77 -1.90
N ILE B 29 22.01 16.19 -0.96
CA ILE B 29 21.21 16.95 -0.01
C ILE B 29 22.16 17.54 1.02
N THR B 30 22.05 18.84 1.27
CA THR B 30 22.89 19.51 2.27
C THR B 30 22.07 20.12 3.41
N GLU B 31 20.79 20.34 3.18
CA GLU B 31 19.93 20.88 4.22
C GLU B 31 19.63 19.80 5.26
N ARG B 32 19.89 20.10 6.52
CA ARG B 32 19.66 19.11 7.58
C ARG B 32 18.18 19.03 8.01
N ILE B 33 17.38 20.01 7.60
N ILE B 33 17.38 20.00 7.62
CA ILE B 33 15.98 20.01 7.96
CA ILE B 33 15.99 20.04 8.07
C ILE B 33 15.21 19.09 7.05
C ILE B 33 15.08 19.24 7.11
N THR B 34 14.45 18.18 7.66
CA THR B 34 13.58 17.26 6.93
C THR B 34 12.21 17.24 7.60
N GLY B 35 11.33 16.34 7.15
CA GLY B 35 10.05 16.14 7.82
C GLY B 35 10.17 15.61 9.24
N HIS B 36 11.34 15.14 9.64
CA HIS B 36 11.55 14.63 11.01
C HIS B 36 11.89 15.73 12.00
N THR B 37 12.31 16.90 11.48
CA THR B 37 12.80 17.99 12.32
C THR B 37 11.73 18.61 13.13
N GLU B 38 12.01 18.76 14.42
CA GLU B 38 11.06 19.36 15.36
C GLU B 38 11.41 20.83 15.66
N LEU B 39 10.41 21.59 16.07
CA LEU B 39 10.58 23.01 16.32
C LEU B 39 10.54 23.40 17.82
N ILE B 40 11.46 24.29 18.16
CA ILE B 40 11.46 24.99 19.44
C ILE B 40 11.27 26.47 19.07
N GLY B 41 10.29 27.13 19.69
CA GLY B 41 10.00 28.52 19.39
C GLY B 41 10.59 29.53 20.35
N LEU B 42 10.34 30.79 20.02
CA LEU B 42 10.69 31.96 20.83
C LEU B 42 9.60 32.98 20.50
N ILE B 43 8.83 33.37 21.49
CA ILE B 43 7.70 34.26 21.27
C ILE B 43 7.84 35.56 22.08
N ALA B 44 7.87 36.67 21.35
CA ALA B 44 8.15 37.97 21.94
C ALA B 44 8.07 38.99 20.85
N THR B 45 8.03 40.26 21.23
CA THR B 45 8.07 41.33 20.21
C THR B 45 8.55 42.61 20.89
N PRO B 46 9.57 43.27 20.30
CA PRO B 46 10.34 42.89 19.11
C PRO B 46 11.24 41.72 19.44
N ILE B 47 11.74 41.02 18.43
CA ILE B 47 12.54 39.83 18.72
C ILE B 47 13.45 39.32 17.61
N ARG B 48 13.24 39.77 16.36
CA ARG B 48 14.00 39.19 15.25
C ARG B 48 15.53 39.39 15.23
N HIS B 49 16.03 40.31 16.07
CA HIS B 49 17.49 40.48 16.18
C HIS B 49 18.09 39.59 17.28
N SER B 50 17.27 38.76 17.92
CA SER B 50 17.75 37.87 18.98
C SER B 50 18.88 36.96 18.50
N LEU B 51 19.84 36.68 19.37
CA LEU B 51 20.87 35.72 19.07
C LEU B 51 20.52 34.33 19.67
N SER B 52 19.39 34.18 20.33
CA SER B 52 18.99 32.90 20.89
C SER B 52 18.87 31.84 19.79
N PRO B 53 18.28 32.19 18.62
CA PRO B 53 18.19 31.14 17.61
C PRO B 53 19.55 30.63 17.15
N THR B 54 20.51 31.54 17.01
CA THR B 54 21.86 31.14 16.63
C THR B 54 22.45 30.21 17.69
N MET B 55 22.34 30.58 18.96
CA MET B 55 22.82 29.74 20.03
C MET B 55 22.23 28.33 19.96
N HIS B 56 20.91 28.21 19.94
CA HIS B 56 20.32 26.87 19.99
C HIS B 56 20.51 26.08 18.70
N ASN B 57 20.42 26.73 17.55
CA ASN B 57 20.63 26.00 16.29
C ASN B 57 22.07 25.48 16.16
N GLU B 58 23.02 26.28 16.59
CA GLU B 58 24.43 25.84 16.58
C GLU B 58 24.59 24.65 17.55
N ALA B 59 23.92 24.69 18.71
CA ALA B 59 23.99 23.61 19.67
C ALA B 59 23.34 22.34 19.10
N PHE B 60 22.15 22.48 18.50
CA PHE B 60 21.49 21.32 17.93
C PHE B 60 22.37 20.67 16.86
N ALA B 61 22.91 21.49 15.97
CA ALA B 61 23.75 20.99 14.87
C ALA B 61 25.02 20.31 15.37
N LYS B 62 25.66 20.90 16.37
CA LYS B 62 26.87 20.34 16.97
C LYS B 62 26.58 18.95 17.56
N LEU B 63 25.47 18.82 18.29
CA LEU B 63 25.12 17.56 18.94
C LEU B 63 24.37 16.59 18.02
N GLY B 64 24.02 17.04 16.81
CA GLY B 64 23.28 16.20 15.86
C GLY B 64 21.85 15.93 16.29
N LEU B 65 21.23 16.89 16.98
CA LEU B 65 19.87 16.75 17.43
C LEU B 65 18.96 17.34 16.35
N ASP B 66 17.84 16.69 16.09
CA ASP B 66 16.98 17.09 14.99
C ASP B 66 15.90 18.08 15.40
N TYR B 67 16.37 19.27 15.78
N TYR B 67 16.36 19.29 15.73
CA TYR B 67 15.53 20.38 16.16
CA TYR B 67 15.51 20.40 16.09
C TYR B 67 16.03 21.63 15.48
C TYR B 67 15.98 21.67 15.39
N VAL B 68 15.14 22.61 15.36
N VAL B 68 15.08 22.63 15.29
CA VAL B 68 15.46 23.93 14.87
CA VAL B 68 15.39 23.97 14.79
C VAL B 68 14.74 24.88 15.81
C VAL B 68 14.67 24.94 15.70
N TYR B 69 15.29 26.09 15.95
CA TYR B 69 14.75 27.12 16.84
C TYR B 69 14.44 28.33 15.98
N LEU B 70 13.22 28.80 16.10
CA LEU B 70 12.73 29.97 15.35
C LEU B 70 12.02 30.96 16.26
N ALA B 71 12.09 32.24 15.88
CA ALA B 71 11.44 33.32 16.58
C ALA B 71 10.18 33.72 15.81
N PHE B 72 9.18 34.15 16.59
CA PHE B 72 7.87 34.67 16.09
C PHE B 72 7.53 35.96 16.84
N GLU B 73 7.06 36.97 16.09
CA GLU B 73 6.64 38.27 16.67
C GLU B 73 5.29 38.12 17.28
N VAL B 74 5.29 37.97 18.58
CA VAL B 74 4.09 37.70 19.34
C VAL B 74 4.00 38.61 20.52
N GLY B 75 2.87 39.30 20.60
CA GLY B 75 2.56 40.19 21.70
C GLY B 75 1.25 39.81 22.37
N ASP B 76 0.67 40.76 23.10
N ASP B 76 0.68 40.74 23.14
CA ASP B 76 -0.57 40.51 23.86
CA ASP B 76 -0.57 40.47 23.89
C ASP B 76 -1.70 39.94 23.03
C ASP B 76 -1.73 39.96 23.05
N LYS B 77 -1.91 40.52 21.85
CA LYS B 77 -3.04 40.11 21.00
C LYS B 77 -2.92 38.72 20.43
N GLU B 78 -1.69 38.24 20.27
CA GLU B 78 -1.43 36.94 19.65
C GLU B 78 -1.16 35.80 20.65
N LEU B 79 -0.84 36.13 21.90
CA LEU B 79 -0.37 35.12 22.82
C LEU B 79 -1.24 33.90 23.04
N LYS B 80 -2.52 34.11 23.35
CA LYS B 80 -3.43 33.00 23.60
C LYS B 80 -3.47 32.05 22.41
N ASP B 81 -3.70 32.62 21.22
CA ASP B 81 -3.80 31.83 19.98
C ASP B 81 -2.51 31.08 19.67
N VAL B 82 -1.36 31.71 19.92
CA VAL B 82 -0.06 31.08 19.66
C VAL B 82 0.14 29.89 20.60
N VAL B 83 -0.15 30.06 21.89
CA VAL B 83 0.02 28.95 22.82
C VAL B 83 -0.92 27.79 22.43
N GLN B 84 -2.18 28.10 22.11
N GLN B 84 -2.19 28.07 22.14
CA GLN B 84 -3.10 27.04 21.70
CA GLN B 84 -3.07 26.96 21.76
C GLN B 84 -2.58 26.35 20.45
C GLN B 84 -2.68 26.35 20.41
N GLY B 85 -2.06 27.14 19.53
CA GLY B 85 -1.53 26.59 18.29
C GLY B 85 -0.31 25.70 18.55
N PHE B 86 0.55 26.13 19.48
CA PHE B 86 1.73 25.32 19.82
C PHE B 86 1.34 24.01 20.47
N ARG B 87 0.27 24.01 21.26
CA ARG B 87 -0.24 22.76 21.83
C ARG B 87 -0.65 21.82 20.68
N ALA B 88 -1.40 22.35 19.73
CA ALA B 88 -1.92 21.56 18.61
C ALA B 88 -0.86 21.10 17.65
N MET B 89 0.24 21.86 17.56
CA MET B 89 1.40 21.49 16.74
C MET B 89 2.33 20.52 17.47
N ASN B 90 2.03 20.26 18.73
CA ASN B 90 2.83 19.39 19.61
C ASN B 90 4.28 19.84 19.74
N LEU B 91 4.53 21.14 19.82
CA LEU B 91 5.90 21.62 20.04
C LEU B 91 6.43 21.13 21.37
N ARG B 92 7.69 20.73 21.37
CA ARG B 92 8.33 20.29 22.62
C ARG B 92 8.51 21.45 23.61
N GLY B 93 8.71 22.66 23.13
CA GLY B 93 8.91 23.80 24.00
C GLY B 93 9.21 25.08 23.25
N TRP B 94 9.38 26.15 24.02
CA TRP B 94 9.69 27.46 23.48
C TRP B 94 10.16 28.39 24.59
N ASN B 95 10.89 29.42 24.18
CA ASN B 95 11.23 30.52 25.06
C ASN B 95 10.16 31.61 24.92
N VAL B 96 10.10 32.43 25.95
CA VAL B 96 9.14 33.55 26.03
C VAL B 96 9.91 34.79 26.43
N SER B 97 9.65 35.91 25.76
CA SER B 97 10.28 37.17 26.18
C SER B 97 9.26 38.29 26.18
N MET B 98 9.70 39.53 26.41
N MET B 98 9.70 39.52 26.44
CA MET B 98 8.78 40.67 26.46
CA MET B 98 8.79 40.65 26.49
C MET B 98 7.94 40.71 25.19
C MET B 98 7.94 40.71 25.22
N PRO B 99 6.65 41.04 25.33
CA PRO B 99 5.90 41.44 26.53
C PRO B 99 5.07 40.33 27.18
N ASN B 100 5.47 39.07 27.00
CA ASN B 100 4.64 37.94 27.40
C ASN B 100 5.01 37.15 28.64
N LYS B 101 6.11 37.48 29.30
N LYS B 101 6.14 37.45 29.27
CA LYS B 101 6.60 36.64 30.41
CA LYS B 101 6.61 36.66 30.42
C LYS B 101 5.72 36.59 31.64
C LYS B 101 5.66 36.57 31.60
N THR B 102 5.06 37.70 31.97
CA THR B 102 4.20 37.73 33.15
C THR B 102 2.74 37.34 32.88
N ASN B 103 2.34 37.21 31.61
CA ASN B 103 0.97 36.82 31.28
C ASN B 103 0.80 35.36 30.89
N ILE B 104 1.88 34.72 30.45
CA ILE B 104 1.76 33.38 29.82
C ILE B 104 1.28 32.30 30.78
N HIS B 105 1.55 32.45 32.08
CA HIS B 105 1.13 31.45 33.03
C HIS B 105 -0.36 31.14 32.90
N LYS B 106 -1.16 32.12 32.47
CA LYS B 106 -2.61 31.95 32.27
C LYS B 106 -2.95 30.78 31.34
N TYR B 107 -2.04 30.52 30.41
CA TYR B 107 -2.26 29.55 29.35
C TYR B 107 -1.48 28.27 29.52
N LEU B 108 -0.77 28.13 30.65
CA LEU B 108 0.01 26.95 30.95
C LEU B 108 -0.69 26.08 31.96
N ASP B 109 -0.13 24.91 32.22
CA ASP B 109 -0.75 23.95 33.14
C ASP B 109 -0.04 23.84 34.47
N LYS B 110 1.29 24.01 34.47
CA LYS B 110 2.10 23.89 35.69
C LYS B 110 3.24 24.91 35.64
N LEU B 111 3.81 25.21 36.81
CA LEU B 111 4.94 26.14 36.93
C LEU B 111 5.98 25.58 37.88
N SER B 112 7.24 25.85 37.60
CA SER B 112 8.30 25.50 38.53
C SER B 112 8.12 26.41 39.77
N PRO B 113 8.76 26.06 40.89
CA PRO B 113 8.62 26.94 42.06
C PRO B 113 9.04 28.38 41.83
N ALA B 114 10.15 28.61 41.15
CA ALA B 114 10.63 29.95 40.91
C ALA B 114 9.74 30.70 39.93
N ALA B 115 9.23 30.01 38.90
CA ALA B 115 8.33 30.67 37.96
C ALA B 115 7.09 31.15 38.68
N GLU B 116 6.58 30.31 39.58
N GLU B 116 6.58 30.34 39.60
CA GLU B 116 5.41 30.67 40.38
CA GLU B 116 5.38 30.72 40.34
C GLU B 116 5.71 31.90 41.25
C GLU B 116 5.66 31.86 41.32
N LEU B 117 6.81 31.84 41.98
CA LEU B 117 7.13 32.92 42.94
C LEU B 117 7.54 34.21 42.22
N VAL B 118 8.34 34.11 41.18
CA VAL B 118 8.72 35.30 40.43
C VAL B 118 7.49 35.90 39.73
N GLY B 119 6.65 35.04 39.19
CA GLY B 119 5.50 35.49 38.43
C GLY B 119 5.81 35.73 36.97
N ALA B 120 6.91 35.14 36.51
CA ALA B 120 7.32 35.23 35.10
C ALA B 120 7.82 33.86 34.63
N VAL B 121 7.64 33.62 33.33
CA VAL B 121 8.07 32.40 32.68
C VAL B 121 8.84 32.79 31.43
N ASN B 122 10.04 32.25 31.24
CA ASN B 122 10.78 32.50 30.00
C ASN B 122 11.00 31.21 29.19
N THR B 123 10.59 30.06 29.73
CA THR B 123 10.82 28.76 29.12
C THR B 123 9.63 27.83 29.37
N VAL B 124 9.08 27.24 28.31
CA VAL B 124 7.99 26.31 28.42
C VAL B 124 8.39 24.97 27.84
N VAL B 125 7.92 23.89 28.47
CA VAL B 125 8.13 22.52 27.97
C VAL B 125 6.80 21.80 27.99
N ASN B 126 6.60 20.96 26.98
CA ASN B 126 5.39 20.20 26.77
C ASN B 126 5.63 18.70 26.99
N ASP B 127 4.95 18.09 27.95
CA ASP B 127 5.04 16.64 28.17
C ASP B 127 3.65 16.05 28.09
N ASP B 128 3.38 15.27 27.03
CA ASP B 128 2.08 14.59 26.85
C ASP B 128 0.96 15.65 26.87
N GLY B 129 1.22 16.84 26.33
CA GLY B 129 0.22 17.91 26.31
C GLY B 129 0.11 18.78 27.55
N VAL B 130 0.93 18.53 28.56
CA VAL B 130 0.91 19.34 29.77
C VAL B 130 2.06 20.32 29.64
N LEU B 131 1.73 21.63 29.71
CA LEU B 131 2.75 22.68 29.59
C LEU B 131 3.24 23.16 30.95
N THR B 132 4.53 23.08 31.17
CA THR B 132 5.18 23.55 32.42
C THR B 132 6.04 24.76 32.07
N GLY B 133 5.82 25.85 32.83
CA GLY B 133 6.56 27.08 32.73
C GLY B 133 7.72 27.08 33.71
N HIS B 134 8.89 27.46 33.22
CA HIS B 134 10.11 27.57 33.98
C HIS B 134 10.69 28.98 33.81
N ILE B 135 11.59 29.37 34.71
N ILE B 135 11.64 29.36 34.65
CA ILE B 135 12.24 30.69 34.65
CA ILE B 135 12.35 30.61 34.49
C ILE B 135 13.72 30.37 34.73
C ILE B 135 13.83 30.32 34.68
N THR B 136 14.47 30.74 33.68
N THR B 136 14.55 30.46 33.57
CA THR B 136 15.87 30.36 33.62
CA THR B 136 15.96 30.10 33.53
C THR B 136 16.88 31.49 33.70
C THR B 136 16.90 31.27 33.84
N ASP B 137 16.46 32.75 33.69
N ASP B 137 16.37 32.49 33.81
CA ASP B 137 17.45 33.84 33.69
CA ASP B 137 17.17 33.72 34.03
C ASP B 137 18.13 34.01 35.04
C ASP B 137 17.95 33.76 35.33
N GLY B 138 17.39 33.76 36.11
N GLY B 138 17.27 33.76 36.47
CA GLY B 138 17.95 33.81 37.46
CA GLY B 138 17.97 33.79 37.73
C GLY B 138 18.98 32.73 37.67
C GLY B 138 18.99 32.67 37.82
N THR B 139 18.59 31.48 37.37
CA THR B 139 19.44 30.33 37.44
C THR B 139 20.69 30.53 36.57
N GLY B 140 20.51 31.11 35.38
CA GLY B 140 21.64 31.38 34.48
C GLY B 140 22.63 32.34 35.13
N TYR B 141 22.10 33.37 35.78
CA TYR B 141 22.93 34.34 36.49
C TYR B 141 23.75 33.68 37.59
N MET B 142 23.10 32.86 38.40
CA MET B 142 23.76 32.21 39.51
C MET B 142 24.80 31.21 39.04
N ARG B 143 24.49 30.47 37.98
CA ARG B 143 25.41 29.49 37.46
C ARG B 143 26.63 30.16 36.92
N ALA B 144 26.44 31.28 36.22
CA ALA B 144 27.59 32.00 35.67
C ALA B 144 28.55 32.44 36.80
N LEU B 145 28.02 32.88 37.93
CA LEU B 145 28.87 33.28 39.05
C LEU B 145 29.64 32.08 39.54
N LYS B 146 28.96 30.97 39.78
CA LYS B 146 29.62 29.75 40.25
C LYS B 146 30.73 29.30 39.29
N GLU B 147 30.46 29.32 37.99
CA GLU B 147 31.44 28.89 37.00
C GLU B 147 32.66 29.78 36.96
N ALA B 148 32.49 31.05 37.32
CA ALA B 148 33.56 32.03 37.39
C ALA B 148 34.32 31.98 38.71
N GLY B 149 33.92 31.08 39.60
CA GLY B 149 34.58 30.90 40.89
C GLY B 149 34.09 31.81 41.98
N HIS B 150 32.90 32.38 41.82
CA HIS B 150 32.35 33.29 42.83
C HIS B 150 31.30 32.59 43.65
N ASP B 151 31.55 32.51 44.95
CA ASP B 151 30.62 31.86 45.87
C ASP B 151 29.88 32.93 46.67
N ILE B 152 28.61 33.14 46.35
CA ILE B 152 27.82 34.13 47.05
C ILE B 152 26.78 33.51 47.98
N ILE B 153 26.72 32.18 48.05
CA ILE B 153 25.73 31.53 48.89
C ILE B 153 26.07 31.80 50.37
N GLY B 154 25.06 32.12 51.15
CA GLY B 154 25.22 32.42 52.56
C GLY B 154 25.76 33.80 52.85
N LYS B 155 25.76 34.66 51.83
CA LYS B 155 26.32 35.99 51.95
C LYS B 155 25.31 37.05 51.52
N LYS B 156 25.78 38.29 51.40
CA LYS B 156 24.94 39.43 51.09
C LYS B 156 25.19 39.98 49.70
N MET B 157 24.13 40.22 48.96
N MET B 157 24.10 40.24 48.99
CA MET B 157 24.20 40.85 47.65
CA MET B 157 24.09 40.81 47.66
C MET B 157 23.49 42.17 47.73
C MET B 157 23.41 42.17 47.65
N THR B 158 24.08 43.17 47.07
CA THR B 158 23.48 44.48 46.86
C THR B 158 23.23 44.52 45.34
N ILE B 159 22.01 44.86 44.94
CA ILE B 159 21.66 44.86 43.53
C ILE B 159 20.83 46.09 43.16
N CYS B 160 21.11 46.64 41.98
CA CYS B 160 20.38 47.76 41.43
C CYS B 160 19.41 47.23 40.38
N GLY B 161 18.14 47.55 40.55
CA GLY B 161 17.11 47.18 39.59
C GLY B 161 15.92 46.47 40.19
N ALA B 162 14.85 46.47 39.41
CA ALA B 162 13.55 45.90 39.81
C ALA B 162 12.67 45.51 38.63
N GLY B 163 13.29 45.37 37.46
CA GLY B 163 12.61 44.89 36.28
C GLY B 163 12.68 43.38 36.20
N GLY B 164 12.57 42.86 34.98
CA GLY B 164 12.52 41.40 34.80
C GLY B 164 13.77 40.69 35.27
N ALA B 165 14.93 41.17 34.83
CA ALA B 165 16.17 40.54 35.18
C ALA B 165 16.44 40.62 36.69
N ALA B 166 16.27 41.80 37.28
CA ALA B 166 16.54 41.95 38.69
C ALA B 166 15.61 41.10 39.52
N THR B 167 14.35 41.05 39.13
CA THR B 167 13.35 40.28 39.89
C THR B 167 13.71 38.78 39.91
N ALA B 168 14.05 38.25 38.74
CA ALA B 168 14.43 36.85 38.63
C ALA B 168 15.71 36.55 39.39
N ILE B 169 16.69 37.44 39.32
CA ILE B 169 17.94 37.25 40.02
C ILE B 169 17.73 37.30 41.52
N CYS B 170 16.96 38.27 41.99
CA CYS B 170 16.73 38.39 43.45
C CYS B 170 16.02 37.17 44.02
N ILE B 171 14.93 36.76 43.36
N ILE B 171 14.92 36.75 43.39
CA ILE B 171 14.15 35.61 43.81
CA ILE B 171 14.16 35.64 43.92
C ILE B 171 15.00 34.37 43.78
C ILE B 171 14.94 34.33 43.76
N GLN B 172 15.65 34.13 42.65
CA GLN B 172 16.48 32.91 42.51
C GLN B 172 17.64 32.89 43.55
N ALA B 173 18.26 34.03 43.74
CA ALA B 173 19.37 34.13 44.70
C ALA B 173 18.85 33.75 46.09
N ALA B 174 17.66 34.27 46.47
CA ALA B 174 17.06 33.95 47.78
C ALA B 174 16.72 32.46 47.89
N LEU B 175 16.11 31.90 46.85
CA LEU B 175 15.79 30.46 46.83
C LEU B 175 17.06 29.61 46.89
N ASP B 176 18.18 30.08 46.34
CA ASP B 176 19.44 29.34 46.31
C ASP B 176 20.29 29.49 47.58
N GLY B 177 19.87 30.33 48.51
CA GLY B 177 20.62 30.44 49.76
C GLY B 177 21.44 31.69 50.03
N VAL B 178 21.30 32.72 49.20
CA VAL B 178 21.93 33.99 49.52
C VAL B 178 21.26 34.44 50.84
N LYS B 179 22.06 34.94 51.77
CA LYS B 179 21.56 35.28 53.12
C LYS B 179 20.80 36.59 53.23
N GLU B 180 21.26 37.59 52.48
CA GLU B 180 20.67 38.91 52.53
C GLU B 180 20.75 39.55 51.16
N ILE B 181 19.72 40.28 50.80
CA ILE B 181 19.67 41.01 49.54
C ILE B 181 19.20 42.43 49.79
N SER B 182 20.00 43.40 49.38
CA SER B 182 19.64 44.79 49.44
C SER B 182 19.44 45.31 48.03
N ILE B 183 18.20 45.72 47.75
CA ILE B 183 17.81 46.23 46.43
C ILE B 183 17.75 47.73 46.44
N PHE B 184 18.28 48.33 45.38
CA PHE B 184 18.22 49.77 45.17
C PHE B 184 17.56 50.03 43.82
N ASN B 185 16.56 50.90 43.81
CA ASN B 185 15.89 51.25 42.59
C ASN B 185 15.42 52.70 42.67
N ARG B 186 15.36 53.37 41.52
CA ARG B 186 14.84 54.74 41.50
C ARG B 186 13.33 54.70 41.75
N LYS B 187 12.77 55.86 42.09
CA LYS B 187 11.35 56.00 42.33
C LYS B 187 10.56 56.14 41.02
N ASP B 188 10.52 55.06 40.28
CA ASP B 188 9.79 54.99 39.00
C ASP B 188 8.68 53.92 39.13
N ASP B 189 8.10 53.52 38.00
CA ASP B 189 7.04 52.52 38.03
C ASP B 189 7.45 51.12 38.47
N PHE B 190 8.76 50.83 38.51
CA PHE B 190 9.25 49.53 38.97
C PHE B 190 9.42 49.45 40.50
N TYR B 191 9.37 50.59 41.20
CA TYR B 191 9.64 50.58 42.66
C TYR B 191 8.63 49.69 43.36
N ALA B 192 7.37 49.79 42.96
CA ALA B 192 6.33 48.94 43.56
C ALA B 192 6.57 47.44 43.34
N ASN B 193 7.15 47.08 42.20
CA ASN B 193 7.49 45.70 41.93
C ASN B 193 8.60 45.25 42.89
N ALA B 194 9.58 46.12 43.13
CA ALA B 194 10.64 45.77 44.06
C ALA B 194 10.06 45.55 45.47
N GLU B 195 9.04 46.35 45.84
CA GLU B 195 8.40 46.19 47.16
C GLU B 195 7.76 44.79 47.24
N LYS B 196 7.13 44.38 46.14
CA LYS B 196 6.55 43.03 46.09
C LYS B 196 7.63 41.94 46.19
N THR B 197 8.78 42.14 45.52
CA THR B 197 9.87 41.19 45.59
C THR B 197 10.38 41.04 47.04
N VAL B 198 10.54 42.15 47.73
CA VAL B 198 10.95 42.12 49.13
C VAL B 198 9.99 41.28 49.97
N GLU B 199 8.67 41.51 49.80
CA GLU B 199 7.63 40.80 50.54
C GLU B 199 7.73 39.30 50.26
N LYS B 200 7.87 38.94 48.99
CA LYS B 200 8.00 37.53 48.59
C LYS B 200 9.23 36.86 49.21
N ILE B 201 10.39 37.50 49.10
CA ILE B 201 11.57 36.92 49.65
C ILE B 201 11.47 36.74 51.18
N ASN B 202 11.04 37.77 51.88
CA ASN B 202 10.98 37.70 53.36
C ASN B 202 9.92 36.74 53.88
N SER B 203 8.87 36.54 53.11
CA SER B 203 7.80 35.64 53.56
C SER B 203 7.99 34.18 53.10
N LYS B 204 8.62 33.96 51.94
CA LYS B 204 8.78 32.60 51.39
C LYS B 204 10.17 31.97 51.49
N THR B 205 11.16 32.72 51.94
CA THR B 205 12.51 32.19 52.11
C THR B 205 13.06 32.68 53.44
N ASP B 206 14.26 32.24 53.80
CA ASP B 206 14.94 32.72 55.00
C ASP B 206 15.90 33.88 54.68
N CYS B 207 15.88 34.36 53.42
CA CYS B 207 16.73 35.49 53.02
C CYS B 207 16.13 36.79 53.57
N LYS B 208 16.99 37.71 54.01
CA LYS B 208 16.60 39.01 54.55
C LYS B 208 16.77 40.04 53.44
N ALA B 209 15.64 40.49 52.93
CA ALA B 209 15.59 41.44 51.83
C ALA B 209 15.11 42.82 52.30
N GLN B 210 15.64 43.84 51.66
CA GLN B 210 15.24 45.22 51.89
C GLN B 210 15.42 46.03 50.62
N LEU B 211 14.64 47.11 50.52
CA LEU B 211 14.63 48.01 49.37
C LEU B 211 14.91 49.46 49.78
N PHE B 212 15.74 50.14 49.00
CA PHE B 212 16.05 51.55 49.17
C PHE B 212 16.03 52.29 47.84
N ASP B 213 15.91 53.61 47.92
CA ASP B 213 16.00 54.48 46.75
C ASP B 213 17.48 54.52 46.35
N ILE B 214 17.76 54.49 45.03
CA ILE B 214 19.12 54.59 44.53
C ILE B 214 19.74 55.96 44.91
N GLU B 215 18.92 56.93 45.20
CA GLU B 215 19.43 58.24 45.64
C GLU B 215 19.98 58.26 47.07
N ASP B 216 19.78 57.17 47.82
CA ASP B 216 20.25 57.07 49.22
C ASP B 216 21.67 56.55 49.21
N HIS B 217 22.58 57.44 48.91
CA HIS B 217 23.95 57.10 48.75
C HIS B 217 24.59 56.57 50.04
N GLU B 218 24.23 57.15 51.18
CA GLU B 218 24.82 56.68 52.42
C GLU B 218 24.37 55.26 52.74
N GLN B 219 23.12 54.91 52.47
CA GLN B 219 22.69 53.53 52.67
C GLN B 219 23.42 52.60 51.69
N LEU B 220 23.55 53.05 50.44
CA LEU B 220 24.29 52.25 49.45
C LEU B 220 25.75 51.93 49.89
N ARG B 221 26.42 52.90 50.48
N ARG B 221 26.43 52.91 50.46
CA ARG B 221 27.79 52.69 50.96
CA ARG B 221 27.78 52.69 50.95
C ARG B 221 27.81 51.53 51.97
C ARG B 221 27.80 51.53 51.97
N LYS B 222 26.86 51.56 52.92
CA LYS B 222 26.79 50.52 53.95
C LYS B 222 26.53 49.18 53.29
N GLU B 223 25.50 49.12 52.45
CA GLU B 223 25.15 47.85 51.84
C GLU B 223 26.31 47.23 51.05
N ILE B 224 26.93 48.01 50.18
CA ILE B 224 28.05 47.49 49.40
C ILE B 224 29.21 47.02 50.29
N ALA B 225 29.53 47.79 51.31
CA ALA B 225 30.59 47.45 52.22
C ALA B 225 30.42 46.08 52.87
N GLU B 226 29.16 45.70 53.08
CA GLU B 226 28.79 44.44 53.72
C GLU B 226 28.51 43.27 52.76
N SER B 227 28.58 43.54 51.45
CA SER B 227 28.24 42.57 50.43
C SER B 227 29.40 41.88 49.79
N VAL B 228 29.16 40.62 49.45
CA VAL B 228 30.16 39.85 48.69
C VAL B 228 30.14 40.29 47.20
N ILE B 229 28.98 40.80 46.77
CA ILE B 229 28.78 41.17 45.38
C ILE B 229 27.84 42.35 45.29
N PHE B 230 28.14 43.23 44.32
CA PHE B 230 27.34 44.38 43.94
C PHE B 230 27.02 44.17 42.47
N THR B 231 25.75 44.15 42.14
CA THR B 231 25.27 43.86 40.80
C THR B 231 24.39 44.92 40.19
N ASN B 232 24.66 45.27 38.95
CA ASN B 232 23.79 46.12 38.20
C ASN B 232 22.84 45.24 37.38
N ALA B 233 21.56 45.43 37.60
CA ALA B 233 20.51 44.74 36.83
C ALA B 233 19.53 45.77 36.28
N THR B 234 20.06 46.90 35.81
CA THR B 234 19.29 47.93 35.14
C THR B 234 19.84 48.09 33.74
N GLY B 235 19.16 48.87 32.92
CA GLY B 235 19.66 49.20 31.59
C GLY B 235 20.82 50.21 31.58
N VAL B 236 21.15 50.79 32.73
CA VAL B 236 22.26 51.78 32.79
C VAL B 236 23.58 51.10 32.45
N GLY B 237 24.32 51.72 31.52
CA GLY B 237 25.60 51.20 31.02
C GLY B 237 25.49 50.61 29.62
N MET B 238 24.25 50.30 29.22
CA MET B 238 23.92 49.82 27.87
C MET B 238 23.11 50.91 27.15
N LYS B 239 23.23 51.00 25.83
N LYS B 239 23.20 50.96 25.83
CA LYS B 239 22.45 51.99 25.07
CA LYS B 239 22.42 51.91 25.03
C LYS B 239 21.00 51.92 25.54
C LYS B 239 20.97 51.89 25.54
N PRO B 240 20.32 53.07 25.72
CA PRO B 240 20.72 54.47 25.48
C PRO B 240 21.48 55.16 26.62
N PHE B 241 22.05 54.35 27.51
CA PHE B 241 22.76 54.83 28.69
C PHE B 241 24.23 54.36 28.71
N GLU B 242 24.84 54.20 27.56
CA GLU B 242 26.22 53.73 27.50
C GLU B 242 27.13 54.82 28.02
N GLY B 243 28.07 54.42 28.87
CA GLY B 243 29.04 55.36 29.48
C GLY B 243 28.53 55.95 30.79
N GLU B 244 27.27 55.64 31.14
CA GLU B 244 26.66 56.07 32.39
C GLU B 244 26.74 54.99 33.45
N THR B 245 26.75 55.42 34.71
CA THR B 245 26.72 54.50 35.83
C THR B 245 25.81 55.02 36.95
N LEU B 246 25.25 54.10 37.73
CA LEU B 246 24.52 54.42 38.95
C LEU B 246 25.42 54.42 40.21
N LEU B 247 26.71 54.08 40.09
CA LEU B 247 27.60 54.06 41.26
C LEU B 247 27.98 55.50 41.63
N PRO B 248 27.72 55.93 42.87
CA PRO B 248 28.02 57.31 43.21
C PRO B 248 29.51 57.63 43.38
N SER B 249 30.26 56.71 43.96
N SER B 249 30.28 56.74 43.98
CA SER B 249 31.64 56.95 44.31
CA SER B 249 31.71 56.97 44.14
C SER B 249 32.48 55.67 44.25
C SER B 249 32.46 55.68 44.18
N ALA B 250 33.66 55.80 43.66
CA ALA B 250 34.59 54.68 43.54
C ALA B 250 34.98 54.13 44.91
N ASP B 251 35.01 55.01 45.93
CA ASP B 251 35.43 54.60 47.28
C ASP B 251 34.37 53.76 48.01
N MET B 252 33.25 53.49 47.34
CA MET B 252 32.25 52.56 47.88
C MET B 252 32.68 51.11 47.56
N LEU B 253 33.65 50.94 46.65
CA LEU B 253 34.14 49.63 46.25
C LEU B 253 35.42 49.31 47.03
N ARG B 254 35.83 48.04 47.00
CA ARG B 254 37.05 47.56 47.64
C ARG B 254 37.55 46.38 46.85
N PRO B 255 38.84 46.04 46.98
CA PRO B 255 39.39 44.99 46.13
C PRO B 255 38.80 43.59 46.28
N GLU B 256 38.25 43.26 47.45
CA GLU B 256 37.67 41.94 47.66
C GLU B 256 36.26 41.79 47.10
N LEU B 257 35.62 42.91 46.79
CA LEU B 257 34.27 42.87 46.28
C LEU B 257 34.19 42.35 44.85
N ILE B 258 33.12 41.64 44.54
CA ILE B 258 32.81 41.21 43.16
C ILE B 258 31.82 42.22 42.63
N VAL B 259 32.07 42.76 41.44
CA VAL B 259 31.10 43.67 40.80
C VAL B 259 30.63 42.98 39.52
N SER B 260 29.31 42.85 39.41
CA SER B 260 28.66 42.13 38.34
C SER B 260 27.69 42.99 37.55
N ASP B 261 27.64 42.84 36.22
CA ASP B 261 26.66 43.58 35.42
C ASP B 261 25.93 42.59 34.55
N VAL B 262 24.63 42.75 34.43
CA VAL B 262 23.83 41.93 33.52
C VAL B 262 24.12 42.34 32.06
N VAL B 263 24.59 43.56 31.86
CA VAL B 263 24.91 44.04 30.52
C VAL B 263 26.20 43.33 29.99
N TYR B 264 26.20 42.95 28.71
CA TYR B 264 27.38 42.37 28.06
C TYR B 264 27.67 43.02 26.70
N LYS B 265 26.83 43.95 26.27
CA LYS B 265 27.09 44.80 25.10
C LYS B 265 26.80 46.24 25.61
N PRO B 266 27.86 47.02 25.95
CA PRO B 266 29.30 46.64 25.80
C PRO B 266 29.79 45.59 26.78
N THR B 267 30.90 44.95 26.43
CA THR B 267 31.48 43.90 27.28
C THR B 267 32.06 44.44 28.60
N LYS B 268 32.23 45.76 28.71
CA LYS B 268 32.68 46.38 29.96
C LYS B 268 31.97 47.71 30.13
N THR B 269 30.90 47.71 30.90
CA THR B 269 30.17 48.93 31.20
C THR B 269 31.03 49.88 32.02
N ARG B 270 30.61 51.14 32.13
CA ARG B 270 31.37 52.09 32.94
C ARG B 270 31.50 51.58 34.36
N LEU B 271 30.44 51.00 34.92
CA LEU B 271 30.53 50.38 36.27
C LEU B 271 31.70 49.37 36.32
N LEU B 272 31.76 48.44 35.37
CA LEU B 272 32.86 47.44 35.39
C LEU B 272 34.23 48.09 35.25
N GLU B 273 34.33 49.15 34.46
CA GLU B 273 35.60 49.85 34.34
C GLU B 273 36.01 50.41 35.73
N ILE B 274 35.10 51.07 36.42
CA ILE B 274 35.39 51.65 37.72
C ILE B 274 35.77 50.53 38.68
N ALA B 275 35.04 49.42 38.62
CA ALA B 275 35.37 48.28 39.48
C ALA B 275 36.77 47.78 39.23
N GLU B 276 37.13 47.64 37.96
CA GLU B 276 38.49 47.22 37.65
C GLU B 276 39.52 48.22 38.23
N GLU B 277 39.22 49.50 38.07
CA GLU B 277 40.11 50.58 38.59
C GLU B 277 40.30 50.49 40.10
N GLN B 278 39.28 49.98 40.79
CA GLN B 278 39.38 49.81 42.24
C GLN B 278 39.91 48.46 42.69
N GLY B 279 40.26 47.61 41.74
CA GLY B 279 40.82 46.28 42.05
C GLY B 279 39.83 45.17 42.26
N CYS B 280 38.57 45.42 42.01
CA CYS B 280 37.59 44.41 42.21
C CYS B 280 37.59 43.29 41.19
N GLN B 281 37.02 42.14 41.57
N GLN B 281 36.94 42.18 41.56
CA GLN B 281 36.76 41.07 40.61
CA GLN B 281 36.71 41.09 40.63
C GLN B 281 35.50 41.52 39.87
C GLN B 281 35.50 41.58 39.86
N THR B 282 35.41 41.23 38.59
CA THR B 282 34.28 41.65 37.77
C THR B 282 33.76 40.55 36.86
N LEU B 283 32.48 40.66 36.53
CA LEU B 283 31.89 39.76 35.59
C LEU B 283 30.73 40.44 34.88
N ASN B 284 30.74 40.39 33.55
CA ASN B 284 29.64 40.92 32.74
C ASN B 284 28.54 39.89 32.56
N GLY B 285 27.52 40.21 31.78
CA GLY B 285 26.35 39.35 31.64
C GLY B 285 26.41 38.23 30.62
N LEU B 286 27.56 37.99 30.01
CA LEU B 286 27.66 36.96 28.93
C LEU B 286 27.36 35.55 29.47
N GLY B 287 27.92 35.23 30.61
CA GLY B 287 27.69 33.93 31.25
C GLY B 287 26.20 33.72 31.58
N MET B 288 25.52 34.77 32.07
CA MET B 288 24.12 34.70 32.37
C MET B 288 23.34 34.29 31.12
N MET B 289 23.70 34.91 29.99
CA MET B 289 23.03 34.62 28.72
C MET B 289 23.25 33.17 28.30
N LEU B 290 24.49 32.70 28.41
CA LEU B 290 24.82 31.35 27.99
C LEU B 290 24.17 30.29 28.87
N TRP B 291 24.22 30.49 30.18
CA TRP B 291 23.73 29.47 31.10
C TRP B 291 22.23 29.43 31.19
N GLN B 292 21.58 30.53 30.92
CA GLN B 292 20.10 30.48 30.88
C GLN B 292 19.68 29.63 29.65
N GLY B 293 20.41 29.80 28.55
CA GLY B 293 20.21 29.00 27.35
C GLY B 293 20.50 27.51 27.60
N ALA B 294 21.57 27.22 28.34
CA ALA B 294 21.94 25.84 28.67
C ALA B 294 20.84 25.17 29.50
N LYS B 295 20.25 25.92 30.41
CA LYS B 295 19.23 25.36 31.27
C LYS B 295 17.99 25.01 30.43
N ALA B 296 17.53 25.95 29.59
CA ALA B 296 16.40 25.67 28.72
C ALA B 296 16.68 24.50 27.74
N PHE B 297 17.90 24.46 27.21
CA PHE B 297 18.31 23.41 26.27
C PHE B 297 18.15 22.02 26.88
N GLU B 298 18.54 21.88 28.16
CA GLU B 298 18.39 20.56 28.85
C GLU B 298 16.94 20.23 29.14
N ILE B 299 16.17 21.24 29.54
CA ILE B 299 14.75 21.06 29.80
C ILE B 299 14.08 20.48 28.52
N TRP B 300 14.46 20.97 27.35
CA TRP B 300 13.82 20.48 26.13
C TRP B 300 14.36 19.16 25.62
N THR B 301 15.68 19.06 25.57
CA THR B 301 16.37 17.91 24.93
C THR B 301 16.89 16.82 25.83
N HIS B 302 17.06 17.12 27.10
CA HIS B 302 17.61 16.19 28.06
C HIS B 302 19.00 15.76 27.66
N LYS B 303 19.69 16.71 27.02
CA LYS B 303 21.09 16.59 26.72
C LYS B 303 21.73 17.91 27.17
N GLU B 304 23.00 17.82 27.54
CA GLU B 304 23.74 18.97 28.01
C GLU B 304 24.23 19.82 26.84
N MET B 305 23.98 21.14 26.90
CA MET B 305 24.47 22.07 25.88
C MET B 305 25.97 22.26 26.01
N PRO B 306 26.71 22.29 24.87
CA PRO B 306 28.18 22.50 24.90
C PRO B 306 28.47 24.01 24.99
N VAL B 307 28.45 24.56 26.21
CA VAL B 307 28.53 26.00 26.44
C VAL B 307 29.82 26.67 25.93
N ASP B 308 30.95 26.01 26.16
N ASP B 308 30.95 26.02 26.16
CA ASP B 308 32.23 26.54 25.71
CA ASP B 308 32.22 26.54 25.70
C ASP B 308 32.25 26.64 24.18
C ASP B 308 32.25 26.64 24.18
N TYR B 309 31.69 25.62 23.52
CA TYR B 309 31.62 25.60 22.06
C TYR B 309 30.76 26.78 21.59
N ILE B 310 29.59 26.97 22.21
CA ILE B 310 28.72 28.08 21.85
C ILE B 310 29.39 29.45 22.08
N LYS B 311 30.05 29.60 23.22
CA LYS B 311 30.72 30.86 23.51
C LYS B 311 31.72 31.20 22.42
N GLU B 312 32.46 30.19 21.97
CA GLU B 312 33.45 30.39 20.92
C GLU B 312 32.84 30.78 19.56
N ILE B 313 31.69 30.20 19.20
N ILE B 313 31.69 30.20 19.23
CA ILE B 313 31.07 30.54 17.92
CA ILE B 313 31.01 30.51 17.96
C ILE B 313 30.39 31.92 17.98
C ILE B 313 30.42 31.92 17.99
N LEU B 314 29.98 32.37 19.16
CA LEU B 314 29.37 33.70 19.30
C LEU B 314 30.42 34.83 19.44
N PHE B 315 31.71 34.49 19.29
CA PHE B 315 32.82 35.47 19.37
C PHE B 315 33.07 35.95 20.80
N ASN C 27 -28.61 -28.64 3.04
CA ASN C 27 -27.48 -27.70 3.33
C ASN C 27 -27.49 -26.49 2.41
N LYS C 28 -26.72 -25.47 2.75
CA LYS C 28 -26.69 -24.26 1.96
C LYS C 28 -25.71 -24.35 0.78
N ILE C 29 -24.79 -25.31 0.81
CA ILE C 29 -23.84 -25.46 -0.31
C ILE C 29 -24.56 -26.04 -1.54
N THR C 30 -24.45 -25.36 -2.68
CA THR C 30 -25.06 -25.85 -3.92
C THR C 30 -24.04 -26.12 -5.04
N GLU C 31 -22.81 -25.63 -4.90
CA GLU C 31 -21.75 -25.92 -5.87
C GLU C 31 -21.27 -27.36 -5.66
N ARG C 32 -21.34 -28.18 -6.71
CA ARG C 32 -20.89 -29.57 -6.58
C ARG C 32 -19.37 -29.72 -6.54
N ILE C 33 -18.63 -28.69 -6.94
CA ILE C 33 -17.19 -28.76 -7.03
C ILE C 33 -16.57 -28.43 -5.69
N THR C 34 -15.80 -29.40 -5.16
CA THR C 34 -15.13 -29.27 -3.88
C THR C 34 -13.67 -29.60 -4.06
N GLY C 35 -12.95 -29.77 -2.94
CA GLY C 35 -11.55 -30.18 -3.01
C GLY C 35 -11.37 -31.61 -3.46
N HIS C 36 -12.46 -32.36 -3.53
CA HIS C 36 -12.41 -33.76 -3.99
C HIS C 36 -12.57 -33.91 -5.48
N THR C 37 -13.05 -32.86 -6.15
CA THR C 37 -13.33 -32.92 -7.56
C THR C 37 -12.06 -32.99 -8.42
N GLU C 38 -12.06 -33.91 -9.39
CA GLU C 38 -10.92 -34.12 -10.31
C GLU C 38 -11.20 -33.49 -11.64
N LEU C 39 -10.15 -33.21 -12.37
CA LEU C 39 -10.22 -32.50 -13.63
C LEU C 39 -9.94 -33.39 -14.83
N ILE C 40 -10.74 -33.20 -15.88
CA ILE C 40 -10.49 -33.77 -17.23
C ILE C 40 -10.26 -32.55 -18.12
N GLY C 41 -9.17 -32.52 -18.88
CA GLY C 41 -8.88 -31.36 -19.70
C GLY C 41 -9.22 -31.48 -21.17
N LEU C 42 -9.05 -30.36 -21.85
CA LEU C 42 -9.19 -30.26 -23.30
C LEU C 42 -8.13 -29.24 -23.72
N ILE C 43 -7.17 -29.66 -24.54
CA ILE C 43 -6.07 -28.79 -24.93
C ILE C 43 -6.03 -28.63 -26.45
N ALA C 44 -6.19 -27.38 -26.87
CA ALA C 44 -6.28 -27.02 -28.29
C ALA C 44 -6.33 -25.49 -28.39
N THR C 45 -6.24 -24.96 -29.61
CA THR C 45 -6.39 -23.53 -29.79
C THR C 45 -6.73 -23.24 -31.27
N PRO C 46 -7.80 -22.46 -31.52
CA PRO C 46 -8.72 -21.91 -30.56
C PRO C 46 -9.60 -23.04 -30.03
N ILE C 47 -10.25 -22.82 -28.90
CA ILE C 47 -11.06 -23.87 -28.32
C ILE C 47 -12.19 -23.41 -27.39
N ARG C 48 -12.20 -22.14 -26.98
CA ARG C 48 -13.14 -21.76 -25.93
C ARG C 48 -14.61 -21.81 -26.30
N HIS C 49 -14.89 -21.91 -27.61
CA HIS C 49 -16.27 -22.03 -28.04
C HIS C 49 -16.74 -23.50 -28.14
N SER C 50 -15.88 -24.44 -27.73
CA SER C 50 -16.22 -25.84 -27.79
C SER C 50 -17.44 -26.23 -26.97
N LEU C 51 -18.19 -27.19 -27.51
CA LEU C 51 -19.34 -27.77 -26.82
C LEU C 51 -18.89 -28.95 -25.96
N SER C 52 -17.64 -29.40 -26.07
CA SER C 52 -17.20 -30.54 -25.25
C SER C 52 -17.34 -30.38 -23.73
N PRO C 53 -17.00 -29.20 -23.18
CA PRO C 53 -17.21 -29.09 -21.71
C PRO C 53 -18.66 -29.27 -21.28
N THR C 54 -19.59 -28.71 -22.05
CA THR C 54 -21.00 -28.90 -21.70
C THR C 54 -21.36 -30.40 -21.78
N MET C 55 -20.94 -31.06 -22.83
CA MET C 55 -21.25 -32.47 -22.99
C MET C 55 -20.74 -33.28 -21.80
N HIS C 56 -19.45 -33.17 -21.49
CA HIS C 56 -18.88 -33.98 -20.43
C HIS C 56 -19.33 -33.58 -19.04
N ASN C 57 -19.42 -32.28 -18.77
CA ASN C 57 -19.94 -31.84 -17.46
C ASN C 57 -21.39 -32.27 -17.19
N GLU C 58 -22.26 -32.21 -18.20
CA GLU C 58 -23.63 -32.67 -18.05
C GLU C 58 -23.63 -34.19 -17.81
N ALA C 59 -22.72 -34.91 -18.46
CA ALA C 59 -22.64 -36.37 -18.27
C ALA C 59 -22.14 -36.72 -16.88
N PHE C 60 -21.11 -36.02 -16.41
CA PHE C 60 -20.60 -36.24 -15.05
C PHE C 60 -21.68 -35.96 -14.04
N ALA C 61 -22.40 -34.86 -14.21
CA ALA C 61 -23.42 -34.49 -13.25
C ALA C 61 -24.52 -35.52 -13.23
N LYS C 62 -24.93 -35.97 -14.41
CA LYS C 62 -26.03 -36.95 -14.53
C LYS C 62 -25.68 -38.27 -13.85
N LEU C 63 -24.43 -38.72 -14.01
CA LEU C 63 -24.00 -39.96 -13.40
C LEU C 63 -23.50 -39.82 -11.96
N GLY C 64 -23.44 -38.62 -11.43
CA GLY C 64 -22.95 -38.41 -10.05
C GLY C 64 -21.45 -38.57 -9.89
N LEU C 65 -20.72 -38.34 -10.96
CA LEU C 65 -19.26 -38.50 -10.94
C LEU C 65 -18.60 -37.20 -10.57
N ASP C 66 -17.56 -37.26 -9.72
CA ASP C 66 -16.94 -36.06 -9.19
C ASP C 66 -15.79 -35.59 -10.03
N TYR C 67 -16.13 -35.17 -11.25
CA TYR C 67 -15.19 -34.63 -12.19
C TYR C 67 -15.74 -33.36 -12.82
N VAL C 68 -14.85 -32.50 -13.29
N VAL C 68 -14.85 -32.54 -13.34
CA VAL C 68 -15.23 -31.33 -14.11
CA VAL C 68 -15.24 -31.40 -14.12
C VAL C 68 -14.28 -31.30 -15.31
C VAL C 68 -14.33 -31.45 -15.35
N TYR C 69 -14.79 -30.84 -16.43
CA TYR C 69 -14.06 -30.78 -17.69
C TYR C 69 -13.86 -29.33 -18.07
N LEU C 70 -12.60 -28.98 -18.34
CA LEU C 70 -12.23 -27.61 -18.69
C LEU C 70 -11.35 -27.61 -19.91
N ALA C 71 -11.45 -26.53 -20.67
CA ALA C 71 -10.63 -26.30 -21.84
C ALA C 71 -9.49 -25.31 -21.53
N PHE C 72 -8.36 -25.50 -22.20
CA PHE C 72 -7.19 -24.64 -22.08
C PHE C 72 -6.66 -24.35 -23.48
N GLU C 73 -6.27 -23.09 -23.72
CA GLU C 73 -5.76 -22.66 -25.00
C GLU C 73 -4.29 -23.06 -25.10
N VAL C 74 -4.04 -24.15 -25.82
CA VAL C 74 -2.73 -24.76 -25.93
C VAL C 74 -2.39 -25.09 -27.37
N GLY C 75 -1.25 -24.57 -27.82
CA GLY C 75 -0.74 -24.82 -29.15
C GLY C 75 0.62 -25.46 -29.10
N ASP C 76 1.34 -25.41 -30.23
CA ASP C 76 2.65 -26.05 -30.35
C ASP C 76 3.62 -25.66 -29.25
N LYS C 77 3.70 -24.37 -28.98
CA LYS C 77 4.66 -23.84 -28.00
C LYS C 77 4.42 -24.29 -26.57
N GLU C 78 3.16 -24.51 -26.22
CA GLU C 78 2.83 -24.88 -24.86
C GLU C 78 2.65 -26.38 -24.60
N LEU C 79 2.48 -27.16 -25.65
CA LEU C 79 2.12 -28.58 -25.52
C LEU C 79 2.99 -29.40 -24.60
N LYS C 80 4.31 -29.38 -24.79
CA LYS C 80 5.18 -30.19 -23.95
C LYS C 80 5.05 -29.86 -22.46
N ASP C 81 5.05 -28.57 -22.14
CA ASP C 81 4.95 -28.16 -20.72
C ASP C 81 3.57 -28.48 -20.13
N VAL C 82 2.52 -28.40 -20.94
CA VAL C 82 1.18 -28.71 -20.46
C VAL C 82 1.08 -30.22 -20.15
N VAL C 83 1.59 -31.08 -21.02
CA VAL C 83 1.52 -32.53 -20.76
C VAL C 83 2.32 -32.83 -19.50
N GLN C 84 3.55 -32.30 -19.38
CA GLN C 84 4.34 -32.53 -18.19
C GLN C 84 3.62 -32.04 -16.92
N GLY C 85 2.97 -30.88 -17.02
CA GLY C 85 2.15 -30.36 -15.91
C GLY C 85 0.99 -31.30 -15.54
N PHE C 86 0.30 -31.80 -16.57
CA PHE C 86 -0.80 -32.75 -16.37
C PHE C 86 -0.34 -34.04 -15.68
N ARG C 87 0.84 -34.51 -16.00
CA ARG C 87 1.37 -35.65 -15.32
C ARG C 87 1.57 -35.33 -13.84
N ALA C 88 2.16 -34.17 -13.57
CA ALA C 88 2.47 -33.77 -12.18
C ALA C 88 1.21 -33.47 -11.35
N MET C 89 0.17 -33.03 -12.04
CA MET C 89 -1.15 -32.80 -11.47
C MET C 89 -1.95 -34.10 -11.32
N ASN C 90 -1.43 -35.18 -11.89
CA ASN C 90 -2.09 -36.51 -11.85
C ASN C 90 -3.49 -36.50 -12.45
N LEU C 91 -3.65 -35.81 -13.56
CA LEU C 91 -4.94 -35.80 -14.24
C LEU C 91 -5.29 -37.18 -14.80
N ARG C 92 -6.54 -37.58 -14.67
CA ARG C 92 -6.98 -38.85 -15.18
C ARG C 92 -6.98 -38.88 -16.69
N GLY C 93 -7.21 -37.75 -17.35
CA GLY C 93 -7.28 -37.73 -18.81
C GLY C 93 -7.62 -36.38 -19.37
N TRP C 94 -7.59 -36.31 -20.70
CA TRP C 94 -7.94 -35.10 -21.41
C TRP C 94 -8.19 -35.37 -22.86
N ASN C 95 -8.94 -34.49 -23.51
CA ASN C 95 -9.06 -34.49 -24.99
C ASN C 95 -7.97 -33.54 -25.54
N VAL C 96 -7.69 -33.74 -26.82
CA VAL C 96 -6.68 -33.04 -27.60
C VAL C 96 -7.37 -32.65 -28.91
N SER C 97 -7.19 -31.40 -29.32
CA SER C 97 -7.72 -31.00 -30.64
C SER C 97 -6.68 -30.17 -31.36
N MET C 98 -7.07 -29.57 -32.48
N MET C 98 -7.03 -29.62 -32.52
CA MET C 98 -6.17 -28.77 -33.30
CA MET C 98 -6.08 -28.86 -33.33
C MET C 98 -5.50 -27.69 -32.46
C MET C 98 -5.50 -27.73 -32.48
N PRO C 99 -4.20 -27.45 -32.65
CA PRO C 99 -3.23 -28.05 -33.61
C PRO C 99 -2.35 -29.17 -33.09
N ASN C 100 -2.82 -29.87 -32.07
CA ASN C 100 -2.00 -30.82 -31.34
C ASN C 100 -2.21 -32.33 -31.56
N LYS C 101 -3.20 -32.71 -32.35
CA LYS C 101 -3.52 -34.15 -32.45
C LYS C 101 -2.40 -35.03 -33.04
N THR C 102 -1.64 -34.50 -33.98
CA THR C 102 -0.58 -35.29 -34.63
C THR C 102 0.76 -35.17 -33.98
N ASN C 103 0.92 -34.25 -33.03
CA ASN C 103 2.19 -34.04 -32.33
C ASN C 103 2.23 -34.61 -30.92
N ILE C 104 1.10 -34.76 -30.26
CA ILE C 104 1.13 -35.12 -28.85
C ILE C 104 1.74 -36.48 -28.53
N HIS C 105 1.70 -37.41 -29.47
CA HIS C 105 2.30 -38.72 -29.23
C HIS C 105 3.74 -38.62 -28.68
N LYS C 106 4.47 -37.57 -29.07
CA LYS C 106 5.82 -37.36 -28.61
C LYS C 106 5.97 -37.30 -27.10
N TYR C 107 4.90 -36.90 -26.42
CA TYR C 107 4.92 -36.65 -24.98
C TYR C 107 4.16 -37.69 -24.20
N LEU C 108 3.68 -38.72 -24.88
CA LEU C 108 2.91 -39.80 -24.23
C LEU C 108 3.77 -41.05 -24.05
N ASP C 109 3.23 -42.04 -23.34
CA ASP C 109 3.96 -43.28 -23.07
C ASP C 109 3.59 -44.45 -24.00
N LYS C 110 2.31 -44.57 -24.35
CA LYS C 110 1.79 -45.63 -25.18
C LYS C 110 0.72 -45.09 -26.11
N LEU C 111 0.46 -45.82 -27.18
CA LEU C 111 -0.62 -45.48 -28.12
C LEU C 111 -1.49 -46.71 -28.36
N SER C 112 -2.81 -46.50 -28.46
CA SER C 112 -3.70 -47.57 -28.82
C SER C 112 -3.37 -48.00 -30.26
N PRO C 113 -3.79 -49.20 -30.66
CA PRO C 113 -3.50 -49.59 -32.04
C PRO C 113 -4.00 -48.59 -33.06
N ALA C 114 -5.20 -48.06 -32.87
CA ALA C 114 -5.73 -47.10 -33.83
C ALA C 114 -4.97 -45.78 -33.81
N ALA C 115 -4.57 -45.30 -32.63
CA ALA C 115 -3.82 -44.04 -32.56
C ALA C 115 -2.49 -44.18 -33.29
N GLU C 116 -1.87 -45.35 -33.20
CA GLU C 116 -0.59 -45.62 -33.85
C GLU C 116 -0.80 -45.65 -35.39
N LEU C 117 -1.81 -46.35 -35.83
CA LEU C 117 -2.13 -46.46 -37.25
C LEU C 117 -2.55 -45.12 -37.84
N VAL C 118 -3.41 -44.39 -37.15
CA VAL C 118 -3.86 -43.09 -37.63
C VAL C 118 -2.80 -42.00 -37.57
N GLY C 119 -1.95 -42.04 -36.54
CA GLY C 119 -0.99 -40.97 -36.33
C GLY C 119 -1.59 -39.73 -35.73
N ALA C 120 -2.72 -39.89 -35.05
CA ALA C 120 -3.42 -38.80 -34.38
C ALA C 120 -4.00 -39.32 -33.08
N VAL C 121 -4.06 -38.44 -32.08
CA VAL C 121 -4.60 -38.73 -30.77
C VAL C 121 -5.54 -37.60 -30.39
N ASN C 122 -6.77 -37.94 -30.01
CA ASN C 122 -7.72 -36.94 -29.50
C ASN C 122 -8.09 -37.17 -28.04
N THR C 123 -7.60 -38.25 -27.45
CA THR C 123 -7.98 -38.63 -26.09
C THR C 123 -6.77 -39.24 -25.40
N VAL C 124 -6.47 -38.77 -24.18
CA VAL C 124 -5.40 -39.36 -23.38
C VAL C 124 -5.96 -39.84 -22.06
N VAL C 125 -5.51 -41.02 -21.63
CA VAL C 125 -5.89 -41.55 -20.31
C VAL C 125 -4.65 -41.84 -19.53
N ASN C 126 -4.67 -41.55 -18.23
CA ASN C 126 -3.53 -41.76 -17.33
C ASN C 126 -3.86 -42.90 -16.40
N ASP C 127 -3.13 -44.02 -16.58
CA ASP C 127 -3.27 -45.20 -15.74
C ASP C 127 -2.03 -45.33 -14.89
N ASP C 128 -2.12 -44.94 -13.62
CA ASP C 128 -0.99 -45.07 -12.69
C ASP C 128 0.27 -44.44 -13.24
N GLY C 129 0.09 -43.27 -13.85
CA GLY C 129 1.23 -42.53 -14.39
C GLY C 129 1.62 -42.83 -15.83
N VAL C 130 0.96 -43.81 -16.44
CA VAL C 130 1.24 -44.18 -17.81
C VAL C 130 0.21 -43.54 -18.70
N LEU C 131 0.67 -42.69 -19.63
CA LEU C 131 -0.25 -41.98 -20.53
C LEU C 131 -0.44 -42.75 -21.83
N THR C 132 -1.64 -43.18 -22.10
CA THR C 132 -1.98 -43.83 -23.35
C THR C 132 -2.85 -42.93 -24.20
N GLY C 133 -2.41 -42.72 -25.43
CA GLY C 133 -3.14 -41.98 -26.42
C GLY C 133 -4.08 -42.86 -27.23
N HIS C 134 -5.31 -42.36 -27.39
CA HIS C 134 -6.41 -42.99 -28.11
C HIS C 134 -6.94 -42.03 -29.16
N ILE C 135 -7.70 -42.57 -30.11
CA ILE C 135 -8.35 -41.74 -31.15
C ILE C 135 -9.77 -42.23 -31.28
N THR C 136 -10.73 -41.34 -31.01
CA THR C 136 -12.15 -41.68 -31.02
C THR C 136 -12.96 -41.00 -32.12
N ASP C 137 -12.31 -40.17 -32.95
CA ASP C 137 -13.03 -39.47 -34.04
C ASP C 137 -13.58 -40.44 -35.08
N GLY C 138 -12.78 -41.46 -35.43
CA GLY C 138 -13.19 -42.45 -36.43
C GLY C 138 -14.26 -43.39 -35.95
N THR C 139 -14.06 -43.95 -34.76
CA THR C 139 -15.09 -44.76 -34.15
C THR C 139 -16.37 -43.93 -33.96
N GLY C 140 -16.23 -42.65 -33.61
CA GLY C 140 -17.40 -41.79 -33.41
C GLY C 140 -18.17 -41.60 -34.71
N TYR C 141 -17.46 -41.31 -35.77
CA TYR C 141 -18.05 -41.14 -37.09
C TYR C 141 -18.80 -42.42 -37.51
N MET C 142 -18.17 -43.58 -37.39
CA MET C 142 -18.78 -44.82 -37.81
C MET C 142 -20.02 -45.15 -36.96
N ARG C 143 -19.93 -44.91 -35.68
CA ARG C 143 -21.05 -45.19 -34.78
C ARG C 143 -22.22 -44.30 -35.13
N ALA C 144 -21.95 -43.03 -35.43
CA ALA C 144 -23.01 -42.14 -35.78
C ALA C 144 -23.70 -42.62 -37.06
N LEU C 145 -22.97 -43.10 -38.03
CA LEU C 145 -23.62 -43.64 -39.26
C LEU C 145 -24.53 -44.80 -38.90
N LYS C 146 -24.02 -45.75 -38.10
CA LYS C 146 -24.79 -46.95 -37.72
C LYS C 146 -26.04 -46.56 -36.98
N GLU C 147 -25.89 -45.65 -36.03
CA GLU C 147 -27.06 -45.18 -35.26
C GLU C 147 -28.11 -44.51 -36.11
N ALA C 148 -27.70 -43.84 -37.17
CA ALA C 148 -28.63 -43.15 -38.08
C ALA C 148 -29.25 -44.11 -39.12
N GLY C 149 -28.84 -45.37 -39.09
CA GLY C 149 -29.39 -46.40 -39.98
C GLY C 149 -28.71 -46.51 -41.30
N HIS C 150 -27.47 -46.01 -41.38
CA HIS C 150 -26.72 -46.06 -42.63
C HIS C 150 -25.67 -47.18 -42.54
N ASP C 151 -25.91 -48.23 -43.30
CA ASP C 151 -25.02 -49.39 -43.32
C ASP C 151 -24.07 -49.28 -44.47
N ILE C 152 -22.79 -49.08 -44.17
CA ILE C 152 -21.77 -49.01 -45.20
C ILE C 152 -20.76 -50.14 -45.12
N ILE C 153 -20.96 -51.09 -44.20
CA ILE C 153 -20.05 -52.20 -44.05
C ILE C 153 -20.19 -53.12 -45.30
N GLY C 154 -19.07 -53.47 -45.88
CA GLY C 154 -19.03 -54.27 -47.11
C GLY C 154 -19.35 -53.50 -48.38
N LYS C 155 -19.38 -52.16 -48.28
CA LYS C 155 -19.76 -51.32 -49.39
C LYS C 155 -18.66 -50.31 -49.70
N LYS C 156 -18.95 -49.38 -50.61
CA LYS C 156 -17.94 -48.42 -51.08
C LYS C 156 -18.24 -46.99 -50.64
N MET C 157 -17.20 -46.34 -50.11
CA MET C 157 -17.23 -44.93 -49.70
C MET C 157 -16.29 -44.06 -50.50
N THR C 158 -16.72 -42.86 -50.82
CA THR C 158 -15.86 -41.83 -51.41
C THR C 158 -15.77 -40.75 -50.32
N ILE C 159 -14.54 -40.35 -50.02
CA ILE C 159 -14.30 -39.35 -48.96
C ILE C 159 -13.34 -38.27 -49.37
N CYS C 160 -13.60 -37.02 -48.96
CA CYS C 160 -12.73 -35.88 -49.19
C CYS C 160 -11.99 -35.53 -47.92
N GLY C 161 -10.65 -35.51 -48.01
CA GLY C 161 -9.84 -35.15 -46.88
C GLY C 161 -8.72 -36.12 -46.59
N ALA C 162 -7.75 -35.61 -45.85
CA ALA C 162 -6.54 -36.37 -45.53
C ALA C 162 -5.88 -35.90 -44.24
N GLY C 163 -6.58 -35.09 -43.47
CA GLY C 163 -6.11 -34.59 -42.16
C GLY C 163 -6.48 -35.55 -41.04
N GLY C 164 -6.54 -35.06 -39.82
CA GLY C 164 -6.80 -35.94 -38.69
C GLY C 164 -8.14 -36.65 -38.75
N ALA C 165 -9.17 -35.90 -39.13
CA ALA C 165 -10.52 -36.45 -39.16
C ALA C 165 -10.65 -37.51 -40.24
N ALA C 166 -10.23 -37.15 -41.46
CA ALA C 166 -10.28 -38.07 -42.57
C ALA C 166 -9.49 -39.32 -42.34
N THR C 167 -8.29 -39.16 -41.77
CA THR C 167 -7.43 -40.30 -41.55
C THR C 167 -8.05 -41.24 -40.53
N ALA C 168 -8.59 -40.68 -39.44
CA ALA C 168 -9.21 -41.50 -38.42
C ALA C 168 -10.43 -42.26 -38.98
N ILE C 169 -11.22 -41.58 -39.81
CA ILE C 169 -12.38 -42.17 -40.42
C ILE C 169 -12.00 -43.27 -41.44
N CYS C 170 -11.01 -42.99 -42.27
CA CYS C 170 -10.59 -43.95 -43.30
C CYS C 170 -10.07 -45.23 -42.67
N ILE C 171 -9.25 -45.07 -41.66
CA ILE C 171 -8.68 -46.21 -40.98
C ILE C 171 -9.77 -47.00 -40.27
N GLN C 172 -10.69 -46.31 -39.60
CA GLN C 172 -11.73 -47.05 -38.88
C GLN C 172 -12.70 -47.74 -39.83
N ALA C 173 -13.06 -47.08 -40.92
CA ALA C 173 -13.93 -47.69 -41.93
C ALA C 173 -13.28 -49.00 -42.44
N ALA C 174 -11.98 -48.96 -42.73
CA ALA C 174 -11.27 -50.14 -43.19
C ALA C 174 -11.31 -51.24 -42.12
N LEU C 175 -11.00 -50.88 -40.87
CA LEU C 175 -11.02 -51.85 -39.75
C LEU C 175 -12.40 -52.45 -39.52
N ASP C 176 -13.45 -51.66 -39.75
CA ASP C 176 -14.81 -52.12 -39.55
C ASP C 176 -15.38 -52.94 -40.71
N GLY C 177 -14.66 -53.02 -41.81
CA GLY C 177 -15.10 -53.83 -42.94
C GLY C 177 -15.74 -53.15 -44.11
N VAL C 178 -15.51 -51.84 -44.25
CA VAL C 178 -15.94 -51.17 -45.46
C VAL C 178 -15.11 -51.84 -46.57
N LYS C 179 -15.72 -52.07 -47.73
CA LYS C 179 -15.01 -52.82 -48.79
C LYS C 179 -14.03 -52.02 -49.60
N GLU C 180 -14.39 -50.78 -49.93
CA GLU C 180 -13.57 -49.96 -50.79
C GLU C 180 -13.71 -48.50 -50.37
N ILE C 181 -12.58 -47.80 -50.40
CA ILE C 181 -12.56 -46.35 -50.06
C ILE C 181 -11.76 -45.60 -51.10
N SER C 182 -12.42 -44.62 -51.72
CA SER C 182 -11.78 -43.70 -52.66
C SER C 182 -11.60 -42.36 -51.95
N ILE C 183 -10.35 -41.95 -51.78
CA ILE C 183 -10.00 -40.73 -51.09
C ILE C 183 -9.63 -39.64 -52.11
N PHE C 184 -10.16 -38.43 -51.93
CA PHE C 184 -9.87 -37.26 -52.74
C PHE C 184 -9.31 -36.15 -51.87
N ASN C 185 -8.20 -35.54 -52.29
CA ASN C 185 -7.66 -34.42 -51.55
C ASN C 185 -6.96 -33.48 -52.47
N ARG C 186 -6.88 -32.24 -52.07
CA ARG C 186 -6.11 -31.30 -52.86
C ARG C 186 -4.61 -31.60 -52.69
N LYS C 187 -3.87 -31.11 -53.66
CA LYS C 187 -2.44 -31.29 -53.65
C LYS C 187 -1.78 -30.29 -52.72
N ASP C 188 -1.96 -30.52 -51.42
CA ASP C 188 -1.40 -29.69 -50.36
C ASP C 188 -0.49 -30.56 -49.50
N ASP C 189 -0.12 -30.08 -48.32
CA ASP C 189 0.79 -30.81 -47.46
C ASP C 189 0.22 -32.09 -46.85
N PHE C 190 -1.09 -32.30 -46.98
CA PHE C 190 -1.72 -33.50 -46.47
C PHE C 190 -1.81 -34.63 -47.50
N TYR C 191 -1.51 -34.35 -48.77
CA TYR C 191 -1.61 -35.40 -49.79
C TYR C 191 -0.69 -36.57 -49.47
N ALA C 192 0.53 -36.27 -49.02
CA ALA C 192 1.48 -37.30 -48.66
C ALA C 192 0.95 -38.17 -47.50
N ASN C 193 0.19 -37.57 -46.60
CA ASN C 193 -0.39 -38.33 -45.50
C ASN C 193 -1.45 -39.31 -46.05
N ALA C 194 -2.30 -38.85 -46.98
CA ALA C 194 -3.30 -39.72 -47.60
C ALA C 194 -2.62 -40.89 -48.33
N GLU C 195 -1.46 -40.63 -48.95
CA GLU C 195 -0.72 -41.70 -49.60
C GLU C 195 -0.31 -42.77 -48.57
N LYS C 196 0.09 -42.33 -47.38
CA LYS C 196 0.41 -43.25 -46.29
C LYS C 196 -0.80 -44.02 -45.83
N THR C 197 -1.92 -43.33 -45.75
CA THR C 197 -3.17 -43.98 -45.38
C THR C 197 -3.53 -45.10 -46.35
N VAL C 198 -3.42 -44.83 -47.63
CA VAL C 198 -3.69 -45.84 -48.65
C VAL C 198 -2.81 -47.07 -48.42
N GLU C 199 -1.51 -46.85 -48.22
CA GLU C 199 -0.54 -47.95 -47.98
C GLU C 199 -0.93 -48.77 -46.75
N LYS C 200 -1.36 -48.08 -45.69
CA LYS C 200 -1.74 -48.73 -44.43
C LYS C 200 -2.97 -49.60 -44.60
N ILE C 201 -4.00 -49.06 -45.24
CA ILE C 201 -5.24 -49.77 -45.47
C ILE C 201 -5.06 -51.01 -46.33
N ASN C 202 -4.35 -50.85 -47.45
CA ASN C 202 -4.14 -51.96 -48.37
C ASN C 202 -3.28 -53.07 -47.79
N SER C 203 -2.30 -52.71 -46.97
CA SER C 203 -1.39 -53.71 -46.42
C SER C 203 -1.84 -54.35 -45.13
N LYS C 204 -2.64 -53.65 -44.33
CA LYS C 204 -3.03 -54.16 -43.03
C LYS C 204 -4.48 -54.59 -42.87
N THR C 205 -5.32 -54.29 -43.85
CA THR C 205 -6.73 -54.66 -43.80
C THR C 205 -7.16 -55.30 -45.12
N ASP C 206 -8.41 -55.73 -45.16
CA ASP C 206 -8.98 -56.32 -46.39
C ASP C 206 -9.65 -55.27 -47.27
N CYS C 207 -9.68 -54.02 -46.81
CA CYS C 207 -10.27 -52.94 -47.57
C CYS C 207 -9.33 -52.49 -48.69
N LYS C 208 -9.91 -52.10 -49.82
CA LYS C 208 -9.17 -51.57 -50.97
C LYS C 208 -9.30 -50.05 -50.99
N ALA C 209 -8.17 -49.36 -50.89
CA ALA C 209 -8.14 -47.90 -50.90
C ALA C 209 -7.32 -47.35 -52.05
N GLN C 210 -7.70 -46.17 -52.51
CA GLN C 210 -6.97 -45.44 -53.53
C GLN C 210 -7.19 -43.96 -53.31
N LEU C 211 -6.25 -43.16 -53.78
CA LEU C 211 -6.23 -41.72 -53.65
C LEU C 211 -6.17 -41.03 -54.99
N PHE C 212 -6.93 -39.93 -55.08
CA PHE C 212 -6.99 -39.09 -56.25
C PHE C 212 -6.98 -37.62 -55.83
N ASP C 213 -6.63 -36.77 -56.81
CA ASP C 213 -6.69 -35.31 -56.67
C ASP C 213 -8.17 -34.86 -56.71
N ILE C 214 -8.54 -33.98 -55.77
CA ILE C 214 -9.91 -33.44 -55.69
C ILE C 214 -10.26 -32.68 -56.99
N GLU C 215 -9.25 -32.23 -57.75
CA GLU C 215 -9.53 -31.54 -59.02
C GLU C 215 -9.74 -32.49 -60.19
N ASP C 216 -9.57 -33.80 -59.97
CA ASP C 216 -9.81 -34.81 -61.02
C ASP C 216 -11.33 -35.07 -61.00
N HIS C 217 -12.07 -34.15 -61.61
CA HIS C 217 -13.52 -34.21 -61.56
C HIS C 217 -14.14 -35.41 -62.26
N GLU C 218 -13.51 -35.86 -63.34
CA GLU C 218 -13.99 -37.04 -64.06
C GLU C 218 -13.90 -38.25 -63.15
N GLN C 219 -12.77 -38.41 -62.45
CA GLN C 219 -12.64 -39.53 -61.53
C GLN C 219 -13.61 -39.39 -60.35
N LEU C 220 -13.79 -38.16 -59.85
CA LEU C 220 -14.69 -37.95 -58.71
C LEU C 220 -16.11 -38.38 -59.08
N ARG C 221 -16.55 -38.01 -60.27
CA ARG C 221 -17.89 -38.40 -60.70
C ARG C 221 -18.06 -39.91 -60.67
N LYS C 222 -17.09 -40.63 -61.23
CA LYS C 222 -17.14 -42.08 -61.30
C LYS C 222 -17.16 -42.68 -59.91
N GLU C 223 -16.25 -42.23 -59.05
CA GLU C 223 -16.14 -42.81 -57.71
C GLU C 223 -17.43 -42.59 -56.92
N ILE C 224 -17.97 -41.37 -56.95
CA ILE C 224 -19.23 -41.10 -56.25
C ILE C 224 -20.37 -41.99 -56.81
N ALA C 225 -20.46 -42.12 -58.13
CA ALA C 225 -21.51 -42.96 -58.72
C ALA C 225 -21.46 -44.39 -58.23
N GLU C 226 -20.25 -44.88 -57.95
CA GLU C 226 -20.03 -46.26 -57.51
C GLU C 226 -20.09 -46.44 -56.01
N SER C 227 -20.32 -45.36 -55.26
CA SER C 227 -20.33 -45.42 -53.80
C SER C 227 -21.74 -45.35 -53.19
N VAL C 228 -21.89 -45.93 -51.99
CA VAL C 228 -23.17 -45.77 -51.27
C VAL C 228 -23.15 -44.49 -50.41
N ILE C 229 -21.93 -43.98 -50.13
CA ILE C 229 -21.78 -42.78 -49.30
C ILE C 229 -20.69 -41.88 -49.82
N PHE C 230 -20.93 -40.57 -49.76
CA PHE C 230 -19.96 -39.52 -50.12
C PHE C 230 -19.82 -38.65 -48.88
N THR C 231 -18.59 -38.53 -48.37
CA THR C 231 -18.28 -37.86 -47.13
C THR C 231 -17.30 -36.71 -47.26
N ASN C 232 -17.67 -35.56 -46.71
CA ASN C 232 -16.72 -34.48 -46.58
C ASN C 232 -16.06 -34.57 -45.20
N ALA C 233 -14.72 -34.69 -45.18
CA ALA C 233 -13.95 -34.70 -43.95
C ALA C 233 -12.85 -33.62 -44.04
N THR C 234 -13.21 -32.50 -44.62
CA THR C 234 -12.34 -31.30 -44.70
C THR C 234 -13.08 -30.16 -43.97
N GLY C 235 -12.41 -29.03 -43.82
CA GLY C 235 -13.05 -27.86 -43.25
C GLY C 235 -13.89 -27.06 -44.23
N VAL C 236 -13.96 -27.49 -45.49
CA VAL C 236 -14.76 -26.77 -46.48
C VAL C 236 -16.22 -26.94 -46.07
N GLY C 237 -16.94 -25.83 -46.06
CA GLY C 237 -18.34 -25.82 -45.60
C GLY C 237 -18.48 -25.19 -44.22
N MET C 238 -17.39 -25.14 -43.48
CA MET C 238 -17.29 -24.53 -42.15
C MET C 238 -16.47 -23.25 -42.34
N LYS C 239 -16.73 -22.27 -41.50
CA LYS C 239 -15.97 -21.01 -41.50
C LYS C 239 -14.47 -21.37 -41.52
N PRO C 240 -13.66 -20.68 -42.35
CA PRO C 240 -13.93 -19.54 -43.24
C PRO C 240 -14.41 -19.90 -44.66
N PHE C 241 -14.97 -21.10 -44.80
CA PHE C 241 -15.45 -21.61 -46.07
C PHE C 241 -16.94 -21.94 -46.01
N GLU C 242 -17.71 -21.18 -45.24
CA GLU C 242 -19.12 -21.44 -45.11
C GLU C 242 -19.81 -21.00 -46.41
N GLY C 243 -20.74 -21.84 -46.88
CA GLY C 243 -21.40 -21.58 -48.17
C GLY C 243 -20.64 -22.12 -49.36
N GLU C 244 -19.48 -22.72 -49.12
CA GLU C 244 -18.62 -23.27 -50.16
C GLU C 244 -18.60 -24.79 -50.03
N THR C 245 -18.21 -25.44 -51.12
CA THR C 245 -18.12 -26.89 -51.21
C THR C 245 -17.01 -27.33 -52.12
N LEU C 246 -16.58 -28.58 -51.96
CA LEU C 246 -15.61 -29.19 -52.89
C LEU C 246 -16.33 -29.96 -54.01
N LEU C 247 -17.64 -30.07 -53.95
CA LEU C 247 -18.44 -30.79 -54.98
C LEU C 247 -18.56 -29.94 -56.23
N PRO C 248 -18.05 -30.43 -57.37
CA PRO C 248 -18.12 -29.57 -58.57
C PRO C 248 -19.51 -29.39 -59.16
N SER C 249 -20.36 -30.40 -59.06
CA SER C 249 -21.72 -30.30 -59.60
C SER C 249 -22.70 -31.20 -58.88
N ALA C 250 -23.91 -30.68 -58.71
CA ALA C 250 -24.96 -31.38 -58.05
C ALA C 250 -25.30 -32.66 -58.80
N ASP C 251 -25.10 -32.65 -60.11
CA ASP C 251 -25.42 -33.83 -60.92
C ASP C 251 -24.52 -35.04 -60.69
N MET C 252 -23.54 -34.90 -59.81
CA MET C 252 -22.72 -36.05 -59.44
C MET C 252 -23.41 -36.88 -58.36
N LEU C 253 -24.48 -36.33 -57.76
N LEU C 253 -24.47 -36.34 -57.77
CA LEU C 253 -25.20 -36.98 -56.65
CA LEU C 253 -25.17 -37.04 -56.75
C LEU C 253 -26.60 -37.55 -57.02
C LEU C 253 -26.31 -37.81 -57.42
N ARG C 254 -26.74 -38.87 -57.03
N ARG C 254 -26.86 -38.76 -56.68
CA ARG C 254 -28.05 -39.46 -57.29
CA ARG C 254 -28.02 -39.49 -57.13
C ARG C 254 -28.86 -39.43 -55.97
C ARG C 254 -28.89 -39.53 -55.88
N PRO C 255 -30.21 -39.57 -56.03
CA PRO C 255 -31.04 -39.50 -54.85
C PRO C 255 -30.80 -40.57 -53.79
N GLU C 256 -30.29 -41.71 -54.21
CA GLU C 256 -30.06 -42.83 -53.31
C GLU C 256 -28.77 -42.76 -52.53
N LEU C 257 -27.89 -41.85 -52.91
CA LEU C 257 -26.63 -41.67 -52.25
C LEU C 257 -26.81 -41.05 -50.86
N ILE C 258 -26.03 -41.54 -49.89
CA ILE C 258 -25.97 -40.97 -48.54
C ILE C 258 -24.87 -39.92 -48.59
N VAL C 259 -25.17 -38.69 -48.19
CA VAL C 259 -24.16 -37.62 -48.18
C VAL C 259 -23.92 -37.19 -46.71
N SER C 260 -22.67 -37.25 -46.31
CA SER C 260 -22.25 -37.06 -44.93
C SER C 260 -21.21 -35.97 -44.82
N ASP C 261 -21.27 -35.21 -43.73
CA ASP C 261 -20.30 -34.16 -43.48
C ASP C 261 -19.84 -34.25 -42.02
N VAL C 262 -18.56 -34.07 -41.79
CA VAL C 262 -18.03 -33.99 -40.44
C VAL C 262 -18.40 -32.65 -39.77
N VAL C 263 -18.70 -31.64 -40.57
CA VAL C 263 -19.06 -30.31 -40.07
C VAL C 263 -20.46 -30.32 -39.48
N TYR C 264 -20.62 -29.66 -38.32
CA TYR C 264 -21.96 -29.50 -37.71
C TYR C 264 -22.29 -28.05 -37.35
N LYS C 265 -21.34 -27.15 -37.58
CA LYS C 265 -21.60 -25.71 -37.47
C LYS C 265 -21.05 -25.14 -38.77
N PRO C 266 -21.93 -24.78 -39.73
CA PRO C 266 -23.40 -24.80 -39.70
C PRO C 266 -23.98 -26.20 -39.69
N THR C 267 -25.23 -26.32 -39.26
CA THR C 267 -25.87 -27.63 -39.18
C THR C 267 -26.15 -28.25 -40.58
N LYS C 268 -26.16 -27.42 -41.61
CA LYS C 268 -26.24 -27.89 -43.00
C LYS C 268 -25.20 -27.14 -43.82
N THR C 269 -24.11 -27.79 -44.17
CA THR C 269 -23.15 -27.18 -45.06
C THR C 269 -23.77 -27.04 -46.45
N ARG C 270 -23.13 -26.26 -47.31
CA ARG C 270 -23.60 -26.13 -48.67
C ARG C 270 -23.72 -27.52 -49.32
N LEU C 271 -22.73 -28.40 -49.11
CA LEU C 271 -22.79 -29.76 -49.62
C LEU C 271 -24.10 -30.48 -49.19
N LEU C 272 -24.39 -30.44 -47.91
CA LEU C 272 -25.58 -31.09 -47.41
C LEU C 272 -26.85 -30.45 -47.96
N GLU C 273 -26.83 -29.14 -48.20
CA GLU C 273 -27.99 -28.45 -48.77
C GLU C 273 -28.21 -28.93 -50.22
N ILE C 274 -27.14 -28.98 -50.99
CA ILE C 274 -27.18 -29.47 -52.37
C ILE C 274 -27.69 -30.90 -52.38
N ALA C 275 -27.16 -31.74 -51.48
CA ALA C 275 -27.61 -33.12 -51.42
C ALA C 275 -29.08 -33.23 -51.10
N GLU C 276 -29.55 -32.48 -50.10
CA GLU C 276 -30.97 -32.49 -49.75
C GLU C 276 -31.84 -32.10 -50.95
N GLU C 277 -31.41 -31.10 -51.70
CA GLU C 277 -32.15 -30.63 -52.89
C GLU C 277 -32.23 -31.73 -53.95
N GLN C 278 -31.21 -32.57 -54.04
CA GLN C 278 -31.20 -33.70 -54.97
C GLN C 278 -32.03 -34.90 -54.48
N GLY C 279 -32.55 -34.84 -53.25
CA GLY C 279 -33.33 -35.93 -52.72
C GLY C 279 -32.55 -36.93 -51.88
N CYS C 280 -31.32 -36.59 -51.54
CA CYS C 280 -30.51 -37.51 -50.79
C CYS C 280 -30.70 -37.46 -49.30
N GLN C 281 -30.51 -38.60 -48.63
N GLN C 281 -30.44 -38.58 -48.67
CA GLN C 281 -30.41 -38.60 -47.18
CA GLN C 281 -30.32 -38.69 -47.22
C GLN C 281 -29.08 -37.95 -46.86
C GLN C 281 -29.02 -38.00 -46.83
N THR C 282 -29.06 -37.22 -45.75
CA THR C 282 -27.87 -36.50 -45.30
C THR C 282 -27.64 -36.67 -43.81
N LEU C 283 -26.41 -36.45 -43.39
CA LEU C 283 -26.06 -36.51 -41.98
C LEU C 283 -24.87 -35.57 -41.72
N ASN C 284 -25.06 -34.63 -40.79
CA ASN C 284 -23.98 -33.74 -40.41
C ASN C 284 -23.14 -34.36 -39.31
N GLY C 285 -22.17 -33.60 -38.78
CA GLY C 285 -21.23 -34.13 -37.81
C GLY C 285 -21.61 -34.15 -36.36
N LEU C 286 -22.87 -33.85 -36.06
N LEU C 286 -22.86 -33.87 -36.05
CA LEU C 286 -23.35 -33.82 -34.65
CA LEU C 286 -23.26 -33.82 -34.63
C LEU C 286 -23.20 -35.19 -33.99
C LEU C 286 -23.19 -35.20 -33.98
N GLY C 287 -23.62 -36.24 -34.69
CA GLY C 287 -23.50 -37.61 -34.15
C GLY C 287 -22.05 -37.99 -33.92
N MET C 288 -21.17 -37.66 -34.86
CA MET C 288 -19.74 -37.93 -34.72
C MET C 288 -19.21 -37.27 -33.44
N MET C 289 -19.60 -36.02 -33.23
CA MET C 289 -19.19 -35.27 -32.06
C MET C 289 -19.62 -35.99 -30.78
N LEU C 290 -20.91 -36.35 -30.72
CA LEU C 290 -21.42 -37.06 -29.59
C LEU C 290 -20.67 -38.37 -29.31
N TRP C 291 -20.50 -39.19 -30.34
CA TRP C 291 -19.90 -40.52 -30.13
C TRP C 291 -18.41 -40.51 -29.91
N GLN C 292 -17.70 -39.53 -30.46
CA GLN C 292 -16.27 -39.47 -30.19
C GLN C 292 -16.15 -39.08 -28.70
N GLY C 293 -17.09 -38.26 -28.20
CA GLY C 293 -17.06 -37.86 -26.82
C GLY C 293 -17.47 -39.00 -25.90
N ALA C 294 -18.55 -39.72 -26.26
CA ALA C 294 -18.99 -40.88 -25.49
C ALA C 294 -17.88 -41.90 -25.27
N LYS C 295 -17.11 -42.18 -26.32
CA LYS C 295 -16.03 -43.17 -26.20
C LYS C 295 -14.92 -42.67 -25.26
N ALA C 296 -14.53 -41.41 -25.42
CA ALA C 296 -13.53 -40.80 -24.53
C ALA C 296 -14.03 -40.87 -23.08
N PHE C 297 -15.30 -40.54 -22.88
CA PHE C 297 -15.89 -40.55 -21.54
C PHE C 297 -15.76 -41.92 -20.88
N GLU C 298 -16.08 -42.95 -21.64
CA GLU C 298 -15.96 -44.35 -21.14
C GLU C 298 -14.51 -44.79 -20.91
N ILE C 299 -13.55 -44.32 -21.72
CA ILE C 299 -12.13 -44.59 -21.49
C ILE C 299 -11.74 -44.06 -20.09
N TRP C 300 -12.18 -42.83 -19.76
CA TRP C 300 -11.79 -42.24 -18.46
C TRP C 300 -12.49 -42.82 -17.27
N THR C 301 -13.79 -43.03 -17.44
CA THR C 301 -14.65 -43.39 -16.31
C THR C 301 -15.05 -44.84 -16.20
N HIS C 302 -14.81 -45.60 -17.27
CA HIS C 302 -15.34 -46.98 -17.34
C HIS C 302 -16.88 -47.03 -17.19
N LYS C 303 -17.56 -45.94 -17.53
N LYS C 303 -17.55 -45.95 -17.57
CA LYS C 303 -19.01 -45.90 -17.53
CA LYS C 303 -19.00 -45.89 -17.55
C LYS C 303 -19.46 -45.37 -18.89
C LYS C 303 -19.46 -45.39 -18.92
N GLU C 304 -20.61 -45.85 -19.34
CA GLU C 304 -21.20 -45.40 -20.60
C GLU C 304 -21.77 -44.00 -20.42
N MET C 305 -21.47 -43.12 -21.35
CA MET C 305 -22.10 -41.80 -21.35
C MET C 305 -23.61 -41.95 -21.63
N PRO C 306 -24.47 -41.19 -20.91
CA PRO C 306 -25.91 -41.22 -21.16
C PRO C 306 -26.19 -40.43 -22.46
N VAL C 307 -25.92 -41.05 -23.59
CA VAL C 307 -25.97 -40.37 -24.88
C VAL C 307 -27.31 -39.77 -25.28
N ASP C 308 -28.40 -40.47 -24.99
CA ASP C 308 -29.74 -39.95 -25.34
C ASP C 308 -30.03 -38.65 -24.60
N TYR C 309 -29.72 -38.66 -23.31
CA TYR C 309 -29.87 -37.49 -22.46
C TYR C 309 -28.98 -36.33 -22.96
N ILE C 310 -27.72 -36.61 -23.28
CA ILE C 310 -26.84 -35.56 -23.75
C ILE C 310 -27.30 -35.01 -25.10
N LYS C 311 -27.74 -35.89 -26.00
CA LYS C 311 -28.18 -35.44 -27.31
C LYS C 311 -29.38 -34.49 -27.15
N GLU C 312 -30.30 -34.83 -26.27
CA GLU C 312 -31.49 -33.97 -26.07
C GLU C 312 -31.12 -32.58 -25.55
N ILE C 313 -30.15 -32.52 -24.64
CA ILE C 313 -29.77 -31.25 -24.00
C ILE C 313 -28.90 -30.35 -24.85
N LEU C 314 -27.89 -30.95 -25.45
CA LEU C 314 -26.90 -30.22 -26.20
C LEU C 314 -27.02 -30.44 -27.69
N PHE C 315 -27.62 -31.57 -28.07
CA PHE C 315 -27.81 -31.97 -29.47
C PHE C 315 -26.48 -32.43 -30.04
N LYS D 28 -31.88 -27.52 -21.97
CA LYS D 28 -31.97 -27.93 -20.53
C LYS D 28 -30.56 -27.99 -19.90
N ILE D 29 -29.66 -27.14 -20.38
CA ILE D 29 -28.29 -27.07 -19.84
C ILE D 29 -28.32 -26.44 -18.45
N THR D 30 -27.76 -27.11 -17.45
CA THR D 30 -27.72 -26.56 -16.09
C THR D 30 -26.30 -26.44 -15.53
N GLU D 31 -25.33 -27.07 -16.18
CA GLU D 31 -23.95 -26.96 -15.76
C GLU D 31 -23.45 -25.59 -16.23
N ARG D 32 -22.87 -24.83 -15.32
CA ARG D 32 -22.38 -23.49 -15.65
C ARG D 32 -20.99 -23.52 -16.31
N ILE D 33 -20.34 -24.66 -16.32
CA ILE D 33 -18.98 -24.73 -16.85
C ILE D 33 -18.97 -25.05 -18.31
N THR D 34 -18.39 -24.15 -19.11
CA THR D 34 -18.28 -24.30 -20.54
C THR D 34 -16.82 -24.18 -20.94
N GLY D 35 -16.60 -24.06 -22.25
CA GLY D 35 -15.27 -23.83 -22.76
C GLY D 35 -14.69 -22.46 -22.41
N HIS D 36 -15.54 -21.55 -21.95
CA HIS D 36 -15.07 -20.21 -21.58
C HIS D 36 -14.57 -20.13 -20.15
N THR D 37 -14.92 -21.13 -19.34
CA THR D 37 -14.61 -21.12 -17.94
C THR D 37 -13.12 -21.26 -17.65
N GLU D 38 -12.62 -20.39 -16.79
CA GLU D 38 -11.23 -20.39 -16.41
C GLU D 38 -11.01 -21.02 -15.06
N LEU D 39 -9.81 -21.50 -14.86
CA LEU D 39 -9.43 -22.22 -13.64
C LEU D 39 -8.54 -21.43 -12.69
N ILE D 40 -8.90 -21.50 -11.40
CA ILE D 40 -8.03 -21.04 -10.30
C ILE D 40 -7.67 -22.33 -9.55
N GLY D 41 -6.40 -22.55 -9.28
CA GLY D 41 -5.98 -23.77 -8.60
C GLY D 41 -5.66 -23.60 -7.12
N LEU D 42 -5.42 -24.73 -6.49
CA LEU D 42 -4.94 -24.80 -5.10
C LEU D 42 -3.94 -25.98 -5.10
N ILE D 43 -2.67 -25.75 -4.76
CA ILE D 43 -1.67 -26.78 -4.83
C ILE D 43 -1.03 -26.99 -3.46
N ALA D 44 -1.15 -28.23 -2.98
CA ALA D 44 -0.72 -28.58 -1.64
C ALA D 44 -0.96 -30.08 -1.45
N THR D 45 -0.43 -30.65 -0.38
CA THR D 45 -0.73 -32.03 -0.06
C THR D 45 -0.44 -32.28 1.43
N PRO D 46 -1.42 -32.87 2.15
CA PRO D 46 -2.77 -33.26 1.72
C PRO D 46 -3.62 -32.03 1.52
N ILE D 47 -4.71 -32.16 0.78
CA ILE D 47 -5.52 -30.98 0.48
C ILE D 47 -6.96 -31.21 0.08
N ARG D 48 -7.35 -32.43 -0.29
CA ARG D 48 -8.68 -32.64 -0.80
C ARG D 48 -9.83 -32.37 0.13
N HIS D 49 -9.58 -32.27 1.44
CA HIS D 49 -10.66 -31.92 2.38
C HIS D 49 -10.80 -30.42 2.55
N SER D 50 -10.03 -29.62 1.82
CA SER D 50 -10.10 -28.16 1.93
C SER D 50 -11.50 -27.61 1.68
N LEU D 51 -11.85 -26.56 2.41
CA LEU D 51 -13.10 -25.83 2.16
C LEU D 51 -12.87 -24.64 1.22
N SER D 52 -11.64 -24.39 0.80
CA SER D 52 -11.38 -23.25 -0.07
C SER D 52 -12.11 -23.36 -1.41
N PRO D 53 -12.14 -24.57 -2.03
CA PRO D 53 -12.89 -24.63 -3.27
C PRO D 53 -14.35 -24.27 -3.11
N THR D 54 -14.98 -24.69 -2.01
CA THR D 54 -16.38 -24.35 -1.79
C THR D 54 -16.54 -22.84 -1.63
N MET D 55 -15.67 -22.24 -0.82
CA MET D 55 -15.68 -20.78 -0.68
C MET D 55 -15.62 -20.06 -2.02
N HIS D 56 -14.62 -20.34 -2.83
CA HIS D 56 -14.46 -19.60 -4.06
C HIS D 56 -15.50 -19.95 -5.10
N ASN D 57 -15.82 -21.23 -5.24
CA ASN D 57 -16.86 -21.61 -6.21
C ASN D 57 -18.21 -20.98 -5.89
N GLU D 58 -18.60 -20.98 -4.63
CA GLU D 58 -19.85 -20.33 -4.24
C GLU D 58 -19.78 -18.83 -4.54
N ALA D 59 -18.62 -18.21 -4.34
CA ALA D 59 -18.48 -16.77 -4.63
C ALA D 59 -18.56 -16.51 -6.14
N PHE D 60 -17.86 -17.33 -6.93
CA PHE D 60 -17.89 -17.15 -8.39
C PHE D 60 -19.31 -17.30 -8.88
N ALA D 61 -20.04 -18.30 -8.39
CA ALA D 61 -21.42 -18.53 -8.83
C ALA D 61 -22.35 -17.37 -8.45
N LYS D 62 -22.22 -16.88 -7.22
CA LYS D 62 -23.07 -15.77 -6.72
C LYS D 62 -22.86 -14.51 -7.57
N LEU D 63 -21.62 -14.18 -7.90
CA LEU D 63 -21.30 -12.99 -8.68
C LEU D 63 -21.37 -13.19 -10.21
N GLY D 64 -21.64 -14.41 -10.67
CA GLY D 64 -21.73 -14.72 -12.10
C GLY D 64 -20.40 -14.66 -12.81
N LEU D 65 -19.32 -14.97 -12.10
CA LEU D 65 -17.98 -14.95 -12.66
C LEU D 65 -17.68 -16.33 -13.23
N ASP D 66 -17.06 -16.36 -14.41
CA ASP D 66 -16.83 -17.61 -15.10
C ASP D 66 -15.49 -18.23 -14.78
N TYR D 67 -15.38 -18.66 -13.53
N TYR D 67 -15.38 -18.66 -13.53
CA TYR D 67 -14.21 -19.33 -13.01
CA TYR D 67 -14.21 -19.32 -13.01
C TYR D 67 -14.64 -20.50 -12.17
C TYR D 67 -14.64 -20.53 -12.20
N VAL D 68 -13.74 -21.47 -12.04
N VAL D 68 -13.72 -21.46 -12.02
CA VAL D 68 -13.92 -22.59 -11.14
CA VAL D 68 -13.92 -22.58 -11.13
C VAL D 68 -12.63 -22.69 -10.38
C VAL D 68 -12.60 -22.83 -10.42
N TYR D 69 -12.70 -23.21 -9.16
CA TYR D 69 -11.52 -23.42 -8.30
C TYR D 69 -11.39 -24.90 -8.00
N LEU D 70 -10.18 -25.44 -8.24
CA LEU D 70 -9.90 -26.86 -8.00
C LEU D 70 -8.63 -27.07 -7.22
N ALA D 71 -8.60 -28.14 -6.43
CA ALA D 71 -7.41 -28.55 -5.69
C ALA D 71 -6.66 -29.64 -6.44
N PHE D 72 -5.33 -29.63 -6.29
CA PHE D 72 -4.43 -30.66 -6.86
C PHE D 72 -3.45 -31.07 -5.79
N GLU D 73 -3.20 -32.39 -5.67
CA GLU D 73 -2.28 -32.95 -4.69
C GLU D 73 -0.84 -32.78 -5.21
N VAL D 74 -0.21 -31.74 -4.70
CA VAL D 74 1.10 -31.33 -5.17
C VAL D 74 2.05 -31.12 -4.02
N GLY D 75 3.17 -31.82 -4.08
CA GLY D 75 4.20 -31.68 -3.08
C GLY D 75 5.55 -31.30 -3.67
N ASP D 76 6.59 -31.55 -2.90
CA ASP D 76 7.93 -31.15 -3.29
C ASP D 76 8.31 -31.60 -4.70
N LYS D 77 8.08 -32.87 -5.00
CA LYS D 77 8.50 -33.44 -6.27
C LYS D 77 7.71 -32.98 -7.47
N GLU D 78 6.50 -32.48 -7.25
CA GLU D 78 5.65 -32.02 -8.34
C GLU D 78 5.64 -30.49 -8.58
N LEU D 79 6.05 -29.72 -7.60
CA LEU D 79 5.86 -28.27 -7.62
C LEU D 79 6.38 -27.55 -8.86
N LYS D 80 7.63 -27.80 -9.21
CA LYS D 80 8.22 -27.12 -10.35
C LYS D 80 7.41 -27.37 -11.63
N ASP D 81 7.15 -28.65 -11.92
CA ASP D 81 6.39 -29.02 -13.15
C ASP D 81 4.97 -28.45 -13.15
N VAL D 82 4.36 -28.41 -11.98
CA VAL D 82 2.99 -27.87 -11.88
C VAL D 82 3.01 -26.35 -12.20
N VAL D 83 3.93 -25.60 -11.62
CA VAL D 83 3.99 -24.15 -11.90
C VAL D 83 4.26 -23.94 -13.38
N GLN D 84 5.26 -24.66 -13.93
CA GLN D 84 5.56 -24.53 -15.35
C GLN D 84 4.34 -24.87 -16.22
N GLY D 85 3.60 -25.90 -15.84
CA GLY D 85 2.39 -26.27 -16.57
C GLY D 85 1.31 -25.20 -16.44
N PHE D 86 1.16 -24.62 -15.26
CA PHE D 86 0.19 -23.56 -15.05
C PHE D 86 0.52 -22.34 -15.93
N ARG D 87 1.79 -22.04 -16.08
CA ARG D 87 2.22 -20.94 -16.99
C ARG D 87 1.73 -21.27 -18.41
N ALA D 88 1.97 -22.50 -18.84
CA ALA D 88 1.64 -22.91 -20.22
C ALA D 88 0.15 -23.03 -20.43
N MET D 89 -0.60 -23.24 -19.36
CA MET D 89 -2.07 -23.31 -19.41
C MET D 89 -2.70 -21.92 -19.31
N ASN D 90 -1.86 -20.92 -19.02
CA ASN D 90 -2.27 -19.52 -18.81
C ASN D 90 -3.27 -19.36 -17.68
N LEU D 91 -3.06 -20.07 -16.57
CA LEU D 91 -3.98 -19.89 -15.44
C LEU D 91 -3.83 -18.50 -14.85
N ARG D 92 -4.95 -17.93 -14.45
CA ARG D 92 -4.96 -16.60 -13.83
C ARG D 92 -4.30 -16.58 -12.47
N GLY D 93 -4.41 -17.67 -11.72
CA GLY D 93 -3.84 -17.71 -10.39
C GLY D 93 -4.17 -18.99 -9.67
N TRP D 94 -3.65 -19.07 -8.47
CA TRP D 94 -3.88 -20.22 -7.63
C TRP D 94 -3.43 -19.95 -6.20
N ASN D 95 -3.95 -20.75 -5.27
CA ASN D 95 -3.49 -20.73 -3.90
C ASN D 95 -2.42 -21.81 -3.74
N VAL D 96 -1.63 -21.66 -2.67
CA VAL D 96 -0.57 -22.55 -2.34
C VAL D 96 -0.67 -22.87 -0.86
N SER D 97 -0.50 -24.14 -0.51
CA SER D 97 -0.45 -24.49 0.92
C SER D 97 0.67 -25.50 1.15
N MET D 98 0.77 -26.02 2.37
N MET D 98 0.74 -26.03 2.37
CA MET D 98 1.83 -26.96 2.71
CA MET D 98 1.78 -26.99 2.74
C MET D 98 1.85 -28.12 1.74
C MET D 98 1.84 -28.14 1.75
N PRO D 99 3.06 -28.59 1.37
CA PRO D 99 4.39 -28.18 1.81
C PRO D 99 5.13 -27.20 0.89
N ASN D 100 4.39 -26.38 0.15
CA ASN D 100 4.95 -25.56 -0.91
C ASN D 100 5.10 -24.05 -0.72
N LYS D 101 4.62 -23.51 0.40
N LYS D 101 4.62 -23.52 0.40
CA LYS D 101 4.60 -22.05 0.56
CA LYS D 101 4.59 -22.06 0.61
C LYS D 101 5.96 -21.36 0.64
C LYS D 101 5.96 -21.38 0.62
N THR D 102 6.94 -22.03 1.24
CA THR D 102 8.28 -21.45 1.34
C THR D 102 9.22 -21.76 0.18
N ASN D 103 8.85 -22.71 -0.68
CA ASN D 103 9.67 -23.06 -1.86
C ASN D 103 9.21 -22.41 -3.15
N ILE D 104 7.93 -22.03 -3.22
CA ILE D 104 7.37 -21.61 -4.52
C ILE D 104 7.96 -20.34 -5.11
N HIS D 105 8.45 -19.43 -4.27
CA HIS D 105 9.10 -18.22 -4.78
C HIS D 105 10.18 -18.52 -5.85
N LYS D 106 10.84 -19.68 -5.77
CA LYS D 106 11.86 -20.09 -6.75
C LYS D 106 11.33 -20.13 -8.17
N TYR D 107 10.02 -20.32 -8.33
CA TYR D 107 9.39 -20.48 -9.64
C TYR D 107 8.50 -19.30 -10.02
N LEU D 108 8.53 -18.22 -9.24
CA LEU D 108 7.74 -17.03 -9.52
C LEU D 108 8.65 -15.91 -10.02
N ASP D 109 8.04 -14.81 -10.47
CA ASP D 109 8.77 -13.69 -11.05
C ASP D 109 8.85 -12.46 -10.15
N LYS D 110 7.83 -12.24 -9.34
CA LYS D 110 7.73 -11.08 -8.45
C LYS D 110 7.06 -11.48 -7.17
N LEU D 111 7.29 -10.69 -6.11
CA LEU D 111 6.69 -10.93 -4.80
C LEU D 111 6.17 -9.63 -4.19
N SER D 112 5.06 -9.70 -3.46
CA SER D 112 4.61 -8.56 -2.70
C SER D 112 5.64 -8.30 -1.57
N PRO D 113 5.62 -7.10 -0.98
CA PRO D 113 6.59 -6.90 0.09
C PRO D 113 6.48 -7.89 1.25
N ALA D 114 5.27 -8.26 1.67
CA ALA D 114 5.11 -9.20 2.77
C ALA D 114 5.53 -10.61 2.37
N ALA D 115 5.24 -11.02 1.13
CA ALA D 115 5.68 -12.36 0.70
C ALA D 115 7.20 -12.46 0.72
N GLU D 116 7.87 -11.39 0.30
N GLU D 116 7.87 -11.38 0.29
CA GLU D 116 9.32 -11.37 0.28
CA GLU D 116 9.31 -11.34 0.28
C GLU D 116 9.90 -11.40 1.70
C GLU D 116 9.86 -11.42 1.70
N LEU D 117 9.33 -10.60 2.61
CA LEU D 117 9.83 -10.54 3.99
C LEU D 117 9.47 -11.80 4.78
N VAL D 118 8.24 -12.28 4.66
CA VAL D 118 7.89 -13.50 5.35
C VAL D 118 8.68 -14.70 4.80
N GLY D 119 8.83 -14.74 3.49
CA GLY D 119 9.48 -15.86 2.83
C GLY D 119 8.49 -16.98 2.53
N ALA D 120 7.20 -16.64 2.47
CA ALA D 120 6.14 -17.60 2.13
C ALA D 120 5.15 -16.95 1.20
N VAL D 121 4.59 -17.76 0.30
CA VAL D 121 3.57 -17.32 -0.63
C VAL D 121 2.37 -18.27 -0.53
N ASN D 122 1.15 -17.73 -0.39
CA ASN D 122 -0.03 -18.59 -0.45
C ASN D 122 -0.99 -18.27 -1.61
N THR D 123 -0.68 -17.24 -2.39
CA THR D 123 -1.50 -16.81 -3.48
C THR D 123 -0.64 -16.32 -4.63
N VAL D 124 -0.92 -16.81 -5.83
CA VAL D 124 -0.20 -16.41 -7.02
C VAL D 124 -1.18 -15.86 -8.04
N VAL D 125 -0.73 -14.83 -8.78
CA VAL D 125 -1.50 -14.26 -9.87
C VAL D 125 -0.57 -14.12 -11.10
N ASN D 126 -1.16 -14.31 -12.28
CA ASN D 126 -0.48 -14.26 -13.55
C ASN D 126 -0.99 -13.09 -14.36
N ASP D 127 -0.08 -12.19 -14.71
CA ASP D 127 -0.38 -11.05 -15.60
C ASP D 127 0.55 -11.11 -16.79
N ASP D 128 0.02 -11.42 -17.97
CA ASP D 128 0.83 -11.45 -19.22
C ASP D 128 2.06 -12.38 -19.06
N GLY D 129 1.88 -13.50 -18.36
CA GLY D 129 2.97 -14.45 -18.13
C GLY D 129 3.89 -14.14 -16.97
N VAL D 130 3.69 -13.04 -16.27
CA VAL D 130 4.48 -12.68 -15.10
C VAL D 130 3.74 -13.14 -13.86
N LEU D 131 4.39 -13.99 -13.06
CA LEU D 131 3.76 -14.53 -11.86
C LEU D 131 4.16 -13.76 -10.62
N THR D 132 3.18 -13.23 -9.89
CA THR D 132 3.44 -12.49 -8.64
C THR D 132 2.91 -13.29 -7.45
N GLY D 133 3.77 -13.50 -6.47
CA GLY D 133 3.41 -14.17 -5.22
C GLY D 133 2.98 -13.18 -4.14
N HIS D 134 1.87 -13.49 -3.49
CA HIS D 134 1.32 -12.71 -2.42
C HIS D 134 1.12 -13.60 -1.20
N ILE D 135 0.92 -13.01 -0.01
CA ILE D 135 0.64 -13.79 1.20
C ILE D 135 -0.58 -13.10 1.82
N THR D 136 -1.65 -13.88 2.01
N THR D 136 -1.73 -13.79 1.81
CA THR D 136 -2.92 -13.34 2.45
CA THR D 136 -2.99 -13.20 2.24
C THR D 136 -3.40 -13.76 3.83
C THR D 136 -3.32 -13.51 3.69
N ASP D 137 -2.74 -14.72 4.48
N ASP D 137 -2.54 -14.41 4.28
CA ASP D 137 -3.24 -15.17 5.80
CA ASP D 137 -2.73 -14.91 5.65
C ASP D 137 -3.03 -14.12 6.91
C ASP D 137 -2.66 -13.84 6.75
N GLY D 138 -1.91 -13.43 6.84
N GLY D 138 -1.54 -13.14 6.86
CA GLY D 138 -1.60 -12.35 7.79
CA GLY D 138 -1.42 -12.11 7.87
C GLY D 138 -2.61 -11.21 7.62
C GLY D 138 -2.50 -11.06 7.65
N THR D 139 -2.74 -10.72 6.39
CA THR D 139 -3.71 -9.69 6.06
C THR D 139 -5.11 -10.14 6.44
N GLY D 140 -5.47 -11.41 6.23
CA GLY D 140 -6.80 -11.90 6.61
C GLY D 140 -7.02 -11.81 8.11
N TYR D 141 -6.00 -12.17 8.87
CA TYR D 141 -6.09 -12.10 10.31
C TYR D 141 -6.30 -10.66 10.78
N MET D 142 -5.49 -9.75 10.26
CA MET D 142 -5.59 -8.33 10.61
C MET D 142 -6.95 -7.75 10.22
N ARG D 143 -7.43 -8.09 9.02
CA ARG D 143 -8.73 -7.61 8.56
C ARG D 143 -9.84 -8.10 9.43
N ALA D 144 -9.81 -9.38 9.80
CA ALA D 144 -10.84 -9.93 10.68
C ALA D 144 -10.90 -9.18 12.03
N LEU D 145 -9.75 -8.80 12.58
CA LEU D 145 -9.74 -8.01 13.82
C LEU D 145 -10.44 -6.68 13.60
N LYS D 146 -10.07 -5.98 12.53
CA LYS D 146 -10.66 -4.68 12.23
C LYS D 146 -12.17 -4.80 12.04
N GLU D 147 -12.61 -5.81 11.28
CA GLU D 147 -14.04 -6.03 11.02
C GLU D 147 -14.82 -6.29 12.30
N ALA D 148 -14.15 -6.91 13.28
CA ALA D 148 -14.75 -7.22 14.58
C ALA D 148 -14.71 -6.03 15.57
N GLY D 149 -14.13 -4.91 15.13
CA GLY D 149 -14.03 -3.69 15.92
C GLY D 149 -12.84 -3.65 16.85
N HIS D 150 -11.79 -4.44 16.57
CA HIS D 150 -10.63 -4.44 17.44
C HIS D 150 -9.49 -3.70 16.79
N ASP D 151 -9.09 -2.57 17.39
CA ASP D 151 -7.99 -1.77 16.87
C ASP D 151 -6.71 -2.08 17.63
N ILE D 152 -5.77 -2.73 16.96
CA ILE D 152 -4.50 -3.07 17.58
C ILE D 152 -3.32 -2.29 17.00
N ILE D 153 -3.59 -1.40 16.04
CA ILE D 153 -2.53 -0.61 15.43
C ILE D 153 -1.98 0.35 16.50
N GLY D 154 -0.66 0.46 16.56
CA GLY D 154 0.03 1.32 17.53
C GLY D 154 0.06 0.77 18.94
N LYS D 155 -0.29 -0.51 19.09
CA LYS D 155 -0.35 -1.13 20.39
C LYS D 155 0.49 -2.40 20.44
N LYS D 156 0.33 -3.18 21.51
CA LYS D 156 1.13 -4.34 21.75
C LYS D 156 0.34 -5.66 21.66
N MET D 157 0.92 -6.62 20.95
CA MET D 157 0.38 -7.96 20.80
C MET D 157 1.32 -8.95 21.42
N THR D 158 0.73 -9.89 22.19
CA THR D 158 1.43 -11.07 22.65
C THR D 158 0.85 -12.25 21.86
N ILE D 159 1.71 -13.05 21.27
CA ILE D 159 1.30 -14.14 20.43
C ILE D 159 2.09 -15.42 20.71
N CYS D 160 1.38 -16.55 20.70
CA CYS D 160 1.99 -17.86 20.85
C CYS D 160 2.12 -18.52 19.48
N GLY D 161 3.33 -18.96 19.13
CA GLY D 161 3.55 -19.66 17.87
C GLY D 161 4.66 -19.07 17.01
N ALA D 162 5.15 -19.90 16.10
CA ALA D 162 6.26 -19.55 15.22
C ALA D 162 6.23 -20.36 13.93
N GLY D 163 5.09 -20.98 13.63
CA GLY D 163 4.90 -21.69 12.38
C GLY D 163 4.45 -20.74 11.28
N GLY D 164 3.83 -21.32 10.26
CA GLY D 164 3.37 -20.53 9.14
C GLY D 164 2.40 -19.42 9.50
N ALA D 165 1.36 -19.74 10.26
CA ALA D 165 0.37 -18.75 10.63
C ALA D 165 0.95 -17.64 11.50
N ALA D 166 1.67 -18.01 12.56
CA ALA D 166 2.22 -17.03 13.44
C ALA D 166 3.23 -16.12 12.73
N THR D 167 4.04 -16.69 11.85
CA THR D 167 5.05 -15.90 11.14
C THR D 167 4.36 -14.86 10.27
N ALA D 168 3.37 -15.29 9.51
CA ALA D 168 2.61 -14.37 8.66
C ALA D 168 1.90 -13.29 9.46
N ILE D 169 1.30 -13.66 10.59
CA ILE D 169 0.60 -12.68 11.44
C ILE D 169 1.59 -11.69 12.03
N CYS D 170 2.70 -12.19 12.55
CA CYS D 170 3.67 -11.30 13.18
C CYS D 170 4.24 -10.29 12.21
N ILE D 171 4.69 -10.76 11.04
CA ILE D 171 5.30 -9.87 10.07
C ILE D 171 4.25 -8.91 9.51
N GLN D 172 3.04 -9.37 9.22
CA GLN D 172 1.98 -8.46 8.69
C GLN D 172 1.59 -7.43 9.74
N ALA D 173 1.45 -7.87 10.99
CA ALA D 173 1.12 -6.95 12.07
C ALA D 173 2.15 -5.84 12.16
N ALA D 174 3.45 -6.20 12.07
CA ALA D 174 4.54 -5.21 12.16
C ALA D 174 4.48 -4.25 10.96
N LEU D 175 4.29 -4.80 9.76
CA LEU D 175 4.18 -3.96 8.55
C LEU D 175 2.97 -3.03 8.65
N ASP D 176 1.88 -3.48 9.28
CA ASP D 176 0.66 -2.70 9.44
C ASP D 176 0.67 -1.65 10.57
N GLY D 177 1.76 -1.59 11.35
CA GLY D 177 1.87 -0.60 12.40
C GLY D 177 1.64 -1.00 13.83
N VAL D 178 1.60 -2.31 14.10
CA VAL D 178 1.54 -2.74 15.51
C VAL D 178 2.87 -2.27 16.10
N LYS D 179 2.83 -1.69 17.29
CA LYS D 179 3.98 -1.08 17.92
C LYS D 179 4.95 -2.07 18.56
N GLU D 180 4.41 -3.12 19.15
CA GLU D 180 5.23 -4.08 19.85
C GLU D 180 4.65 -5.47 19.71
N ILE D 181 5.51 -6.47 19.53
CA ILE D 181 5.06 -7.88 19.46
C ILE D 181 5.94 -8.74 20.31
N SER D 182 5.33 -9.46 21.26
CA SER D 182 6.06 -10.41 22.07
C SER D 182 5.60 -11.81 21.68
N ILE D 183 6.54 -12.61 21.20
CA ILE D 183 6.32 -13.94 20.71
C ILE D 183 6.74 -14.95 21.76
N PHE D 184 5.89 -15.95 22.02
CA PHE D 184 6.20 -17.05 22.92
C PHE D 184 6.13 -18.35 22.13
N ASN D 185 7.16 -19.18 22.21
CA ASN D 185 7.14 -20.47 21.53
C ASN D 185 7.91 -21.48 22.35
N ARG D 186 7.54 -22.75 22.22
CA ARG D 186 8.30 -23.81 22.89
C ARG D 186 9.66 -23.97 22.23
N LYS D 187 10.53 -24.64 22.94
CA LYS D 187 11.88 -24.87 22.45
C LYS D 187 11.92 -26.11 21.52
N ASP D 188 11.31 -25.96 20.35
CA ASP D 188 11.23 -27.00 19.32
C ASP D 188 11.92 -26.47 18.05
N ASP D 189 11.71 -27.14 16.92
CA ASP D 189 12.37 -26.72 15.69
C ASP D 189 11.88 -25.38 15.13
N PHE D 190 10.78 -24.88 15.62
CA PHE D 190 10.26 -23.59 15.15
C PHE D 190 10.86 -22.40 15.90
N TYR D 191 11.55 -22.64 17.03
CA TYR D 191 12.07 -21.54 17.82
C TYR D 191 13.06 -20.71 17.02
N ALA D 192 13.92 -21.38 16.26
CA ALA D 192 14.90 -20.67 15.44
C ALA D 192 14.22 -19.80 14.36
N ASN D 193 13.08 -20.26 13.86
CA ASN D 193 12.31 -19.48 12.90
C ASN D 193 11.80 -18.20 13.57
N ALA D 194 11.26 -18.32 14.80
CA ALA D 194 10.79 -17.13 15.53
C ALA D 194 11.95 -16.14 15.75
N GLU D 195 13.16 -16.66 15.96
CA GLU D 195 14.35 -15.79 16.12
C GLU D 195 14.57 -14.98 14.86
N LYS D 196 14.40 -15.64 13.71
CA LYS D 196 14.51 -14.97 12.41
C LYS D 196 13.43 -13.91 12.24
N THR D 197 12.22 -14.25 12.67
CA THR D 197 11.13 -13.30 12.59
C THR D 197 11.42 -12.03 13.41
N VAL D 198 11.89 -12.21 14.63
CA VAL D 198 12.25 -11.08 15.46
C VAL D 198 13.29 -10.17 14.77
N GLU D 199 14.32 -10.77 14.18
CA GLU D 199 15.39 -10.06 13.44
C GLU D 199 14.79 -9.28 12.28
N LYS D 200 13.91 -9.91 11.52
CA LYS D 200 13.24 -9.25 10.40
C LYS D 200 12.41 -8.07 10.85
N ILE D 201 11.61 -8.25 11.88
CA ILE D 201 10.76 -7.18 12.33
C ILE D 201 11.56 -5.99 12.87
N ASN D 202 12.60 -6.27 13.66
CA ASN D 202 13.36 -5.19 14.29
C ASN D 202 14.23 -4.45 13.31
N SER D 203 14.60 -5.12 12.23
CA SER D 203 15.47 -4.46 11.24
C SER D 203 14.71 -3.82 10.09
N LYS D 204 13.56 -4.37 9.71
CA LYS D 204 12.82 -3.85 8.53
C LYS D 204 11.58 -3.01 8.85
N THR D 205 11.17 -2.95 10.12
CA THR D 205 10.03 -2.14 10.52
C THR D 205 10.37 -1.36 11.79
N ASP D 206 9.43 -0.54 12.26
CA ASP D 206 9.60 0.22 13.49
C ASP D 206 9.00 -0.50 14.71
N CYS D 207 8.45 -1.69 14.49
CA CYS D 207 7.88 -2.50 15.57
C CYS D 207 8.99 -3.09 16.43
N LYS D 208 8.77 -3.17 17.74
N LYS D 208 8.74 -3.18 17.73
CA LYS D 208 9.76 -3.75 18.66
CA LYS D 208 9.67 -3.75 18.69
C LYS D 208 9.31 -5.18 19.00
C LYS D 208 9.23 -5.20 18.92
N ALA D 209 10.03 -6.14 18.47
CA ALA D 209 9.73 -7.56 18.65
C ALA D 209 10.71 -8.23 19.59
N GLN D 210 10.22 -9.24 20.29
CA GLN D 210 11.02 -10.06 21.21
C GLN D 210 10.42 -11.45 21.30
N LEU D 211 11.27 -12.42 21.63
CA LEU D 211 10.89 -13.83 21.73
C LEU D 211 11.27 -14.42 23.08
N PHE D 212 10.37 -15.22 23.63
CA PHE D 212 10.57 -15.91 24.87
C PHE D 212 10.05 -17.35 24.80
N ASP D 213 10.50 -18.21 25.72
CA ASP D 213 10.01 -19.57 25.87
C ASP D 213 8.62 -19.52 26.47
N ILE D 214 7.69 -20.29 25.92
CA ILE D 214 6.34 -20.41 26.45
C ILE D 214 6.37 -20.87 27.92
N GLU D 215 7.44 -21.52 28.35
CA GLU D 215 7.54 -21.95 29.76
C GLU D 215 7.87 -20.80 30.73
N ASP D 216 8.19 -19.61 30.19
CA ASP D 216 8.53 -18.45 31.02
C ASP D 216 7.23 -17.75 31.42
N HIS D 217 6.55 -18.33 32.40
CA HIS D 217 5.26 -17.84 32.81
C HIS D 217 5.27 -16.41 33.35
N GLU D 218 6.31 -16.05 34.11
CA GLU D 218 6.35 -14.70 34.66
C GLU D 218 6.54 -13.67 33.56
N GLN D 219 7.37 -13.96 32.56
CA GLN D 219 7.47 -13.03 31.44
C GLN D 219 6.14 -12.93 30.68
N LEU D 220 5.48 -14.07 30.50
CA LEU D 220 4.19 -14.08 29.82
C LEU D 220 3.17 -13.19 30.54
N ARG D 221 3.17 -13.20 31.87
CA ARG D 221 2.25 -12.39 32.66
C ARG D 221 2.48 -10.91 32.32
N LYS D 222 3.75 -10.49 32.31
CA LYS D 222 4.10 -9.10 31.99
C LYS D 222 3.62 -8.74 30.61
N GLU D 223 3.97 -9.58 29.64
CA GLU D 223 3.65 -9.26 28.26
C GLU D 223 2.15 -9.15 28.02
N ILE D 224 1.37 -10.11 28.51
CA ILE D 224 -0.07 -10.06 28.34
C ILE D 224 -0.65 -8.83 29.04
N ALA D 225 -0.16 -8.53 30.25
CA ALA D 225 -0.65 -7.36 30.99
C ALA D 225 -0.51 -6.05 30.23
N GLU D 226 0.51 -5.97 29.38
CA GLU D 226 0.83 -4.79 28.58
C GLU D 226 0.24 -4.79 27.17
N SER D 227 -0.45 -5.87 26.80
CA SER D 227 -0.98 -6.04 25.47
C SER D 227 -2.43 -5.72 25.30
N VAL D 228 -2.76 -5.24 24.11
CA VAL D 228 -4.16 -5.03 23.75
C VAL D 228 -4.80 -6.39 23.38
N ILE D 229 -3.98 -7.30 22.90
CA ILE D 229 -4.46 -8.60 22.43
C ILE D 229 -3.49 -9.71 22.74
N PHE D 230 -4.06 -10.87 23.08
CA PHE D 230 -3.29 -12.11 23.30
C PHE D 230 -3.82 -13.13 22.29
N THR D 231 -2.93 -13.65 21.46
CA THR D 231 -3.27 -14.54 20.35
C THR D 231 -2.63 -15.89 20.40
N ASN D 232 -3.43 -16.94 20.23
CA ASN D 232 -2.87 -18.26 20.00
C ASN D 232 -2.76 -18.50 18.49
N ALA D 233 -1.54 -18.77 18.04
CA ALA D 233 -1.27 -19.14 16.66
C ALA D 233 -0.50 -20.45 16.63
N THR D 234 -0.83 -21.39 17.52
CA THR D 234 -0.27 -22.74 17.52
C THR D 234 -1.43 -23.71 17.24
N GLY D 235 -1.12 -24.98 17.08
CA GLY D 235 -2.12 -26.03 16.96
C GLY D 235 -2.82 -26.40 18.29
N VAL D 236 -2.34 -25.84 19.40
CA VAL D 236 -2.96 -26.17 20.71
C VAL D 236 -4.38 -25.64 20.76
N GLY D 237 -5.29 -26.51 21.17
CA GLY D 237 -6.73 -26.23 21.24
C GLY D 237 -7.51 -26.90 20.10
N MET D 238 -6.79 -27.34 19.07
CA MET D 238 -7.36 -28.03 17.91
C MET D 238 -6.82 -29.48 17.96
N LYS D 239 -7.56 -30.45 17.44
CA LYS D 239 -7.08 -31.85 17.35
C LYS D 239 -5.64 -31.82 16.82
N PRO D 240 -4.72 -32.62 17.40
CA PRO D 240 -4.81 -33.58 18.46
C PRO D 240 -4.62 -33.01 19.87
N PHE D 241 -4.86 -31.70 20.02
CA PHE D 241 -4.67 -30.97 21.29
C PHE D 241 -5.98 -30.31 21.73
N GLU D 242 -7.11 -30.88 21.35
CA GLU D 242 -8.40 -30.30 21.73
C GLU D 242 -8.61 -30.41 23.24
N GLY D 243 -9.04 -29.30 23.83
CA GLY D 243 -9.21 -29.20 25.29
C GLY D 243 -7.97 -28.78 26.04
N GLU D 244 -6.84 -28.64 25.34
CA GLU D 244 -5.60 -28.19 25.94
C GLU D 244 -5.41 -26.71 25.68
N THR D 245 -4.64 -26.07 26.56
CA THR D 245 -4.30 -24.67 26.41
C THR D 245 -2.87 -24.42 26.85
N LEU D 246 -2.27 -23.37 26.26
CA LEU D 246 -0.95 -22.91 26.69
C LEU D 246 -1.05 -21.77 27.74
N LEU D 247 -2.26 -21.32 28.07
CA LEU D 247 -2.40 -20.25 29.08
C LEU D 247 -2.13 -20.82 30.46
N PRO D 248 -1.16 -20.24 31.20
CA PRO D 248 -0.87 -20.80 32.53
C PRO D 248 -1.92 -20.54 33.57
N SER D 249 -2.49 -19.34 33.58
CA SER D 249 -3.50 -19.00 34.56
C SER D 249 -4.46 -17.94 34.08
N ALA D 250 -5.72 -18.08 34.49
CA ALA D 250 -6.80 -17.16 34.15
C ALA D 250 -6.49 -15.77 34.65
N ASP D 251 -5.75 -15.67 35.75
CA ASP D 251 -5.42 -14.36 36.34
C ASP D 251 -4.44 -13.54 35.50
N MET D 252 -3.94 -14.12 34.40
CA MET D 252 -3.09 -13.37 33.48
C MET D 252 -3.98 -12.55 32.54
N LEU D 253 -5.27 -12.86 32.50
CA LEU D 253 -6.21 -12.14 31.66
C LEU D 253 -6.90 -11.04 32.47
N ARG D 254 -7.54 -10.13 31.75
CA ARG D 254 -8.29 -9.03 32.37
C ARG D 254 -9.46 -8.74 31.43
N PRO D 255 -10.55 -8.15 31.93
CA PRO D 255 -11.67 -7.97 31.02
C PRO D 255 -11.42 -7.13 29.76
N GLU D 256 -10.51 -6.17 29.86
N GLU D 256 -10.53 -6.15 29.81
CA GLU D 256 -10.19 -5.28 28.74
CA GLU D 256 -10.28 -5.30 28.63
C GLU D 256 -9.39 -5.94 27.61
C GLU D 256 -9.43 -5.99 27.55
N LEU D 257 -8.71 -7.04 27.92
CA LEU D 257 -7.89 -7.74 26.93
C LEU D 257 -8.72 -8.44 25.87
N ILE D 258 -8.28 -8.38 24.63
CA ILE D 258 -8.88 -9.14 23.53
C ILE D 258 -8.11 -10.47 23.46
N VAL D 259 -8.83 -11.59 23.40
CA VAL D 259 -8.19 -12.90 23.27
C VAL D 259 -8.61 -13.54 21.93
N SER D 260 -7.62 -13.86 21.13
CA SER D 260 -7.80 -14.33 19.77
C SER D 260 -7.18 -15.72 19.54
N ASP D 261 -7.84 -16.55 18.74
CA ASP D 261 -7.29 -17.85 18.41
C ASP D 261 -7.38 -18.05 16.89
N VAL D 262 -6.34 -18.54 16.26
CA VAL D 262 -6.40 -18.86 14.86
C VAL D 262 -7.29 -20.11 14.63
N VAL D 263 -7.46 -20.94 15.66
CA VAL D 263 -8.28 -22.13 15.52
C VAL D 263 -9.76 -21.75 15.42
N TYR D 264 -10.49 -22.42 14.53
CA TYR D 264 -11.94 -22.23 14.45
C TYR D 264 -12.73 -23.55 14.46
N LYS D 265 -12.03 -24.68 14.53
CA LYS D 265 -12.66 -25.98 14.74
C LYS D 265 -11.81 -26.61 15.86
N PRO D 266 -12.32 -26.60 17.11
CA PRO D 266 -13.61 -26.12 17.58
C PRO D 266 -13.79 -24.62 17.48
N THR D 267 -15.04 -24.18 17.45
CA THR D 267 -15.33 -22.74 17.36
C THR D 267 -14.93 -21.98 18.65
N LYS D 268 -14.76 -22.71 19.76
CA LYS D 268 -14.29 -22.14 21.03
C LYS D 268 -13.24 -23.06 21.62
N THR D 269 -11.96 -22.73 21.43
CA THR D 269 -10.90 -23.51 22.06
C THR D 269 -10.97 -23.31 23.59
N ARG D 270 -10.23 -24.15 24.32
CA ARG D 270 -10.22 -23.99 25.78
C ARG D 270 -9.75 -22.56 26.15
N LEU D 271 -8.77 -22.03 25.44
CA LEU D 271 -8.30 -20.67 25.67
C LEU D 271 -9.46 -19.68 25.57
N LEU D 272 -10.25 -19.76 24.49
CA LEU D 272 -11.36 -18.83 24.31
C LEU D 272 -12.39 -19.05 25.39
N GLU D 273 -12.63 -20.29 25.82
CA GLU D 273 -13.54 -20.51 26.93
C GLU D 273 -13.09 -19.81 28.21
N ILE D 274 -11.83 -19.93 28.56
CA ILE D 274 -11.30 -19.28 29.76
C ILE D 274 -11.44 -17.77 29.62
N ALA D 275 -11.08 -17.23 28.45
CA ALA D 275 -11.18 -15.79 28.21
C ALA D 275 -12.60 -15.30 28.41
N GLU D 276 -13.57 -16.02 27.86
CA GLU D 276 -14.98 -15.64 28.01
C GLU D 276 -15.38 -15.62 29.50
N GLU D 277 -14.94 -16.62 30.24
CA GLU D 277 -15.17 -16.70 31.68
C GLU D 277 -14.59 -15.50 32.43
N GLN D 278 -13.48 -14.97 31.96
CA GLN D 278 -12.81 -13.86 32.59
C GLN D 278 -13.34 -12.50 32.14
N GLY D 279 -14.38 -12.50 31.30
CA GLY D 279 -15.00 -11.27 30.83
C GLY D 279 -14.39 -10.63 29.60
N CYS D 280 -13.53 -11.36 28.91
CA CYS D 280 -12.87 -10.81 27.75
C CYS D 280 -13.62 -10.96 26.46
N GLN D 281 -13.40 -10.02 25.52
N GLN D 281 -13.37 -10.03 25.53
CA GLN D 281 -13.94 -10.18 24.18
CA GLN D 281 -13.89 -10.16 24.19
C GLN D 281 -13.03 -11.22 23.54
C GLN D 281 -13.01 -11.21 23.53
N THR D 282 -13.61 -12.05 22.70
CA THR D 282 -12.88 -13.14 22.05
C THR D 282 -13.14 -13.20 20.57
N LEU D 283 -12.23 -13.82 19.84
CA LEU D 283 -12.42 -13.99 18.40
C LEU D 283 -11.69 -15.25 17.96
N ASN D 284 -12.42 -16.17 17.34
CA ASN D 284 -11.76 -17.38 16.79
C ASN D 284 -11.23 -17.10 15.37
N GLY D 285 -10.76 -18.14 14.68
CA GLY D 285 -10.10 -17.95 13.38
C GLY D 285 -10.95 -17.95 12.14
N LEU D 286 -12.27 -17.95 12.29
CA LEU D 286 -13.15 -17.98 11.11
C LEU D 286 -12.94 -16.77 10.22
N GLY D 287 -12.85 -15.58 10.83
CA GLY D 287 -12.66 -14.34 10.07
C GLY D 287 -11.36 -14.38 9.29
N MET D 288 -10.29 -14.86 9.91
CA MET D 288 -9.01 -14.97 9.21
C MET D 288 -9.13 -15.81 7.94
N MET D 289 -9.85 -16.92 8.04
CA MET D 289 -10.08 -17.84 6.91
C MET D 289 -10.83 -17.14 5.81
N LEU D 290 -11.91 -16.47 6.18
CA LEU D 290 -12.76 -15.76 5.21
C LEU D 290 -12.03 -14.59 4.52
N TRP D 291 -11.38 -13.73 5.30
CA TRP D 291 -10.71 -12.55 4.75
C TRP D 291 -9.44 -12.86 3.96
N GLN D 292 -8.74 -13.93 4.29
CA GLN D 292 -7.60 -14.28 3.44
C GLN D 292 -8.15 -14.73 2.07
N GLY D 293 -9.28 -15.44 2.04
CA GLY D 293 -9.92 -15.81 0.78
C GLY D 293 -10.39 -14.57 0.04
N ALA D 294 -10.97 -13.61 0.75
CA ALA D 294 -11.45 -12.37 0.10
C ALA D 294 -10.31 -11.62 -0.56
N LYS D 295 -9.16 -11.58 0.07
CA LYS D 295 -8.02 -10.88 -0.48
C LYS D 295 -7.54 -11.57 -1.79
N ALA D 296 -7.44 -12.90 -1.75
CA ALA D 296 -7.02 -13.65 -2.95
C ALA D 296 -8.05 -13.48 -4.06
N PHE D 297 -9.32 -13.51 -3.69
CA PHE D 297 -10.40 -13.40 -4.67
C PHE D 297 -10.30 -12.08 -5.47
N GLU D 298 -10.03 -10.98 -4.77
CA GLU D 298 -9.87 -9.67 -5.45
C GLU D 298 -8.61 -9.65 -6.31
N ILE D 299 -7.54 -10.25 -5.80
CA ILE D 299 -6.30 -10.31 -6.57
C ILE D 299 -6.57 -10.99 -7.93
N TRP D 300 -7.35 -12.05 -7.94
CA TRP D 300 -7.61 -12.76 -9.18
C TRP D 300 -8.64 -12.14 -10.07
N THR D 301 -9.78 -11.78 -9.47
CA THR D 301 -10.94 -11.30 -10.21
C THR D 301 -11.16 -9.80 -10.31
N HIS D 302 -10.52 -9.04 -9.44
CA HIS D 302 -10.73 -7.58 -9.38
C HIS D 302 -12.16 -7.22 -9.13
N LYS D 303 -12.81 -8.12 -8.38
CA LYS D 303 -14.14 -7.91 -7.85
C LYS D 303 -14.10 -8.28 -6.38
N GLU D 304 -14.88 -7.56 -5.57
N GLU D 304 -15.03 -7.71 -5.62
CA GLU D 304 -14.91 -7.80 -4.12
CA GLU D 304 -15.10 -7.94 -4.18
C GLU D 304 -15.74 -9.06 -3.82
C GLU D 304 -15.88 -9.21 -3.79
N MET D 305 -15.23 -9.93 -2.94
N MET D 305 -15.24 -10.09 -3.01
CA MET D 305 -15.93 -11.18 -2.56
CA MET D 305 -15.93 -11.30 -2.55
C MET D 305 -17.05 -10.88 -1.55
C MET D 305 -17.05 -10.90 -1.58
N PRO D 306 -18.22 -11.54 -1.70
CA PRO D 306 -19.33 -11.29 -0.74
C PRO D 306 -19.15 -12.13 0.55
N VAL D 307 -18.32 -11.64 1.49
CA VAL D 307 -17.96 -12.39 2.69
C VAL D 307 -19.10 -12.84 3.58
N ASP D 308 -20.06 -11.94 3.79
CA ASP D 308 -21.24 -12.26 4.59
C ASP D 308 -21.97 -13.46 4.00
N TYR D 309 -22.14 -13.42 2.68
CA TYR D 309 -22.81 -14.49 1.95
C TYR D 309 -22.06 -15.81 2.12
N ILE D 310 -20.74 -15.80 1.95
CA ILE D 310 -19.94 -17.02 2.10
C ILE D 310 -19.96 -17.53 3.54
N LYS D 311 -19.84 -16.62 4.50
CA LYS D 311 -19.85 -17.04 5.90
C LYS D 311 -21.15 -17.79 6.20
N GLU D 312 -22.26 -17.28 5.70
CA GLU D 312 -23.55 -17.93 5.93
C GLU D 312 -23.60 -19.34 5.29
N ILE D 313 -23.02 -19.51 4.10
CA ILE D 313 -23.01 -20.82 3.45
C ILE D 313 -22.13 -21.85 4.14
N LEU D 314 -20.93 -21.43 4.56
CA LEU D 314 -19.98 -22.36 5.16
C LEU D 314 -20.23 -22.70 6.62
N PHE D 315 -20.78 -21.78 7.38
CA PHE D 315 -20.96 -22.03 8.81
C PHE D 315 -22.32 -21.57 9.34
#